data_7RL8
#
_entry.id   7RL8
#
_cell.length_a   86.118
_cell.length_b   93.878
_cell.length_c   138.346
_cell.angle_alpha   90.000
_cell.angle_beta   90.000
_cell.angle_gamma   90.000
#
_symmetry.space_group_name_H-M   'P 21 21 21'
#
loop_
_entity.id
_entity.type
_entity.pdbx_description
1 polymer Beta-lactamase
2 non-polymer DI(HYDROXYETHYL)ETHER
3 non-polymer 'SULFATE ION'
4 water water
#
_entity_poly.entity_id   1
_entity_poly.type   'polypeptide(L)'
_entity_poly.pdbx_seq_one_letter_code
;MVDYSDCFEGISGGAIFYNTKNKEYNIYNKELIETRRSPASTF(KCX)IVSTLIGLEKGVINSKESVMGYDGTEYPNKNW
NKNLSLEEAFKESCVWYYKKLIDKVDAKSVQNILDDLKYGNCDISEWEGDLKNGKGHLNGFWLESSLQISPKEQVQTMAK
IFEGDTNFKKEHINILRDIMKIDVNDKNINVYGKTGTGFDEKNKRVDAWFVGMLEREGDTYYFAIKSDDSNKEITGPKVK
EIAINIIKKYYSVREGAAL
;
_entity_poly.pdbx_strand_id   A,B,C,D
#
loop_
_chem_comp.id
_chem_comp.type
_chem_comp.name
_chem_comp.formula
PEG non-polymer DI(HYDROXYETHYL)ETHER 'C4 H10 O3'
SO4 non-polymer 'SULFATE ION' 'O4 S -2'
#
# COMPACT_ATOMS: atom_id res chain seq x y z
N MET A 1 4.03 5.57 -29.79
CA MET A 1 2.79 6.34 -29.50
C MET A 1 1.95 6.43 -30.77
N VAL A 2 0.63 6.51 -30.60
CA VAL A 2 -0.36 6.60 -31.72
C VAL A 2 -0.91 8.02 -31.75
N ASP A 3 -1.56 8.38 -32.85
CA ASP A 3 -2.16 9.73 -32.97
C ASP A 3 -3.64 9.58 -33.32
N TYR A 4 -4.51 9.91 -32.36
CA TYR A 4 -5.97 9.90 -32.58
C TYR A 4 -6.46 11.35 -32.56
N SER A 5 -5.56 12.29 -32.88
CA SER A 5 -5.91 13.74 -32.84
C SER A 5 -7.08 14.05 -33.78
N ASP A 6 -7.23 13.29 -34.88
CA ASP A 6 -8.33 13.58 -35.84
C ASP A 6 -9.70 13.40 -35.17
N CYS A 7 -9.83 12.42 -34.29
CA CYS A 7 -11.14 12.14 -33.63
C CYS A 7 -11.44 13.18 -32.54
N PHE A 8 -10.42 13.90 -32.05
CA PHE A 8 -10.63 14.92 -31.00
C PHE A 8 -11.08 16.25 -31.59
N GLU A 9 -10.87 16.47 -32.89
CA GLU A 9 -11.34 17.71 -33.57
C GLU A 9 -10.84 18.98 -32.85
N GLY A 10 -9.55 19.06 -32.52
CA GLY A 10 -8.98 20.27 -31.87
C GLY A 10 -9.17 20.28 -30.36
N ILE A 11 -10.06 19.44 -29.82
CA ILE A 11 -10.29 19.36 -28.35
C ILE A 11 -9.04 18.79 -27.69
N SER A 12 -8.58 19.41 -26.60
CA SER A 12 -7.38 18.95 -25.88
C SER A 12 -7.69 17.64 -25.14
N GLY A 13 -6.85 16.62 -25.33
CA GLY A 13 -7.11 15.37 -24.60
C GLY A 13 -6.15 14.27 -25.00
N GLY A 14 -6.44 13.07 -24.52
CA GLY A 14 -5.63 11.89 -24.81
C GLY A 14 -6.47 10.63 -24.73
N ALA A 15 -5.89 9.52 -25.14
CA ALA A 15 -6.57 8.20 -25.09
C ALA A 15 -5.55 7.10 -24.85
N ILE A 16 -5.98 6.05 -24.16
CA ILE A 16 -5.10 4.87 -23.91
C ILE A 16 -5.98 3.62 -24.03
N PHE A 17 -5.53 2.68 -24.84
CA PHE A 17 -6.16 1.35 -25.06
C PHE A 17 -5.15 0.28 -24.62
N TYR A 18 -5.64 -0.73 -23.91
CA TYR A 18 -4.75 -1.82 -23.43
C TYR A 18 -5.34 -3.18 -23.83
N ASN A 19 -4.49 -4.01 -24.44
CA ASN A 19 -4.83 -5.40 -24.86
C ASN A 19 -4.13 -6.35 -23.88
N THR A 20 -4.91 -7.06 -23.05
CA THR A 20 -4.33 -7.99 -22.04
C THR A 20 -3.66 -9.18 -22.72
N LYS A 21 -3.92 -9.42 -24.01
CA LYS A 21 -3.30 -10.56 -24.74
C LYS A 21 -1.81 -10.31 -24.93
N ASN A 22 -1.45 -9.24 -25.64
CA ASN A 22 -0.02 -8.92 -25.95
C ASN A 22 0.53 -7.92 -24.91
N LYS A 23 -0.27 -7.55 -23.90
CA LYS A 23 0.17 -6.62 -22.83
C LYS A 23 0.64 -5.29 -23.43
N GLU A 24 0.10 -4.91 -24.58
CA GLU A 24 0.53 -3.66 -25.27
C GLU A 24 -0.48 -2.54 -25.04
N TYR A 25 0.05 -1.33 -24.84
CA TYR A 25 -0.75 -0.08 -24.70
C TYR A 25 -0.66 0.71 -26.01
N ASN A 26 -1.79 1.24 -26.46
CA ASN A 26 -1.87 2.19 -27.59
C ASN A 26 -2.11 3.52 -26.90
N ILE A 27 -1.12 4.41 -26.93
CA ILE A 27 -1.17 5.70 -26.17
C ILE A 27 -1.14 6.91 -27.10
N TYR A 28 -2.19 7.74 -26.96
CA TYR A 28 -2.27 9.07 -27.62
C TYR A 28 -2.03 9.99 -26.40
N ASN A 29 -1.01 10.86 -26.49
CA ASN A 29 -0.72 11.94 -25.51
C ASN A 29 -0.22 11.43 -24.15
N LYS A 30 0.94 10.77 -24.16
CA LYS A 30 1.48 10.06 -22.98
C LYS A 30 1.42 10.92 -21.72
N GLU A 31 1.83 12.19 -21.80
CA GLU A 31 1.87 13.05 -20.59
C GLU A 31 0.47 13.17 -19.98
N LEU A 32 -0.55 13.36 -20.81
CA LEU A 32 -1.93 13.51 -20.28
C LEU A 32 -2.42 12.17 -19.70
N ILE A 33 -2.21 11.05 -20.40
N ILE A 33 -2.18 11.08 -20.42
CA ILE A 33 -2.78 9.78 -19.89
CA ILE A 33 -2.62 9.71 -20.01
C ILE A 33 -2.06 9.33 -18.60
C ILE A 33 -2.05 9.33 -18.64
N GLU A 34 -0.92 9.94 -18.26
CA GLU A 34 -0.24 9.63 -16.96
C GLU A 34 -0.60 10.67 -15.89
N THR A 35 -1.43 11.67 -16.20
CA THR A 35 -1.76 12.72 -15.21
C THR A 35 -3.00 12.33 -14.39
N ARG A 36 -2.86 12.31 -13.06
CA ARG A 36 -4.05 12.01 -12.21
C ARG A 36 -5.04 13.18 -12.21
N ARG A 37 -6.32 12.87 -12.28
CA ARG A 37 -7.41 13.88 -12.23
C ARG A 37 -8.57 13.26 -11.46
N SER A 38 -9.53 14.07 -11.02
CA SER A 38 -10.76 13.52 -10.40
C SER A 38 -11.40 12.58 -11.41
N PRO A 39 -11.89 11.39 -11.00
CA PRO A 39 -12.56 10.47 -11.92
C PRO A 39 -13.99 10.92 -12.24
N ALA A 40 -14.53 11.85 -11.45
CA ALA A 40 -15.94 12.27 -11.59
C ALA A 40 -16.81 11.00 -11.61
N SER A 41 -17.89 10.98 -12.40
CA SER A 41 -18.84 9.82 -12.37
C SER A 41 -18.24 8.50 -12.90
N THR A 42 -17.03 8.47 -13.48
CA THR A 42 -16.44 7.16 -13.86
C THR A 42 -16.24 6.33 -12.57
N PHE A 43 -16.23 7.01 -11.42
CA PHE A 43 -16.05 6.29 -10.13
C PHE A 43 -17.21 5.33 -9.90
N KCX A 44 -18.35 5.55 -10.57
CA KCX A 44 -19.49 4.68 -10.39
CB KCX A 44 -20.70 5.20 -11.16
CG KCX A 44 -21.36 6.43 -10.55
CD KCX A 44 -22.62 6.86 -11.24
CE KCX A 44 -23.31 7.99 -10.52
NZ KCX A 44 -22.52 9.20 -10.55
C KCX A 44 -19.15 3.25 -10.80
O KCX A 44 -19.83 2.33 -10.36
CX KCX A 44 -21.73 9.55 -9.51
OQ1 KCX A 44 -21.66 8.94 -8.47
OQ2 KCX A 44 -20.97 10.60 -9.78
N ILE A 45 -18.14 3.07 -11.64
CA ILE A 45 -17.73 1.73 -12.03
C ILE A 45 -17.32 0.97 -10.76
N VAL A 46 -16.57 1.64 -9.89
CA VAL A 46 -16.05 1.04 -8.63
C VAL A 46 -17.11 1.13 -7.53
N SER A 47 -17.80 2.27 -7.38
CA SER A 47 -18.80 2.38 -6.28
C SER A 47 -19.91 1.33 -6.48
N THR A 48 -20.20 0.94 -7.73
CA THR A 48 -21.21 -0.11 -8.00
C THR A 48 -20.74 -1.42 -7.36
N LEU A 49 -19.50 -1.82 -7.62
CA LEU A 49 -18.90 -3.07 -7.06
C LEU A 49 -18.86 -2.98 -5.53
N ILE A 50 -18.48 -1.82 -4.99
CA ILE A 50 -18.44 -1.65 -3.50
C ILE A 50 -19.84 -1.90 -2.92
N GLY A 51 -20.86 -1.27 -3.51
CA GLY A 51 -22.24 -1.47 -3.02
C GLY A 51 -22.67 -2.93 -3.08
N LEU A 52 -22.35 -3.61 -4.18
CA LEU A 52 -22.74 -5.04 -4.34
C LEU A 52 -21.97 -5.89 -3.32
N GLU A 53 -20.65 -5.70 -3.22
CA GLU A 53 -19.83 -6.48 -2.24
C GLU A 53 -20.38 -6.30 -0.81
N LYS A 54 -20.81 -5.09 -0.45
CA LYS A 54 -21.24 -4.79 0.94
C LYS A 54 -22.74 -5.05 1.16
N GLY A 55 -23.49 -5.46 0.13
CA GLY A 55 -24.92 -5.79 0.29
C GLY A 55 -25.83 -4.57 0.35
N VAL A 56 -25.30 -3.38 0.04
CA VAL A 56 -26.13 -2.14 0.02
C VAL A 56 -27.10 -2.23 -1.17
N ILE A 57 -26.64 -2.86 -2.25
CA ILE A 57 -27.42 -3.13 -3.49
C ILE A 57 -27.22 -4.61 -3.80
N ASN A 58 -28.06 -5.21 -4.66
CA ASN A 58 -27.94 -6.68 -4.89
C ASN A 58 -28.20 -7.03 -6.35
N SER A 59 -28.70 -6.08 -7.14
CA SER A 59 -29.08 -6.42 -8.54
C SER A 59 -29.23 -5.15 -9.38
N LYS A 60 -29.49 -5.32 -10.68
CA LYS A 60 -29.65 -4.16 -11.58
C LYS A 60 -30.98 -3.44 -11.24
N GLU A 61 -31.87 -4.08 -10.47
CA GLU A 61 -33.18 -3.46 -10.10
C GLU A 61 -33.10 -2.77 -8.73
N SER A 62 -32.03 -3.00 -7.96
CA SER A 62 -31.90 -2.42 -6.60
C SER A 62 -32.21 -0.92 -6.58
N VAL A 63 -33.00 -0.50 -5.60
CA VAL A 63 -33.36 0.95 -5.42
C VAL A 63 -32.83 1.39 -4.05
N MET A 64 -32.56 2.68 -3.91
CA MET A 64 -31.99 3.23 -2.65
C MET A 64 -33.02 4.05 -1.87
N GLY A 65 -34.19 4.31 -2.46
CA GLY A 65 -35.24 5.10 -1.79
C GLY A 65 -35.12 6.58 -2.13
N TYR A 66 -36.14 7.11 -2.80
CA TYR A 66 -36.18 8.53 -3.26
C TYR A 66 -36.95 9.36 -2.22
N ASP A 67 -36.35 10.45 -1.76
CA ASP A 67 -36.97 11.32 -0.71
C ASP A 67 -37.82 12.43 -1.34
N GLY A 68 -38.01 12.41 -2.67
CA GLY A 68 -38.86 13.43 -3.32
C GLY A 68 -38.12 14.70 -3.69
N THR A 69 -36.83 14.81 -3.36
CA THR A 69 -36.05 16.01 -3.73
C THR A 69 -36.18 16.24 -5.24
N GLU A 70 -36.50 17.46 -5.64
CA GLU A 70 -36.65 17.82 -7.06
C GLU A 70 -35.29 18.27 -7.57
N TYR A 71 -34.65 17.48 -8.45
CA TYR A 71 -33.30 17.83 -8.95
C TYR A 71 -33.37 18.50 -10.31
N PRO A 72 -32.36 19.33 -10.65
CA PRO A 72 -32.28 19.96 -11.95
C PRO A 72 -32.41 18.90 -13.06
N ASN A 73 -31.69 17.79 -12.90
CA ASN A 73 -31.78 16.67 -13.87
C ASN A 73 -33.06 15.91 -13.52
N LYS A 74 -34.11 16.11 -14.31
CA LYS A 74 -35.43 15.48 -14.04
C LYS A 74 -35.36 13.95 -14.17
N ASN A 75 -34.30 13.42 -14.78
CA ASN A 75 -34.13 11.94 -14.90
C ASN A 75 -33.78 11.34 -13.53
N TRP A 76 -33.46 12.19 -12.55
CA TRP A 76 -33.09 11.79 -11.17
C TRP A 76 -34.30 11.85 -10.23
N ASN A 77 -35.43 12.36 -10.71
CA ASN A 77 -36.59 12.63 -9.80
C ASN A 77 -37.51 11.42 -9.67
N LYS A 78 -36.96 10.28 -9.27
CA LYS A 78 -37.77 9.06 -9.05
C LYS A 78 -36.90 8.02 -8.34
N ASN A 79 -37.56 7.00 -7.79
CA ASN A 79 -36.84 5.90 -7.11
C ASN A 79 -36.23 5.02 -8.20
N LEU A 80 -35.13 5.49 -8.82
CA LEU A 80 -34.57 4.74 -9.97
C LEU A 80 -33.72 3.54 -9.52
N SER A 81 -33.64 2.55 -10.41
CA SER A 81 -32.90 1.28 -10.21
C SER A 81 -31.40 1.51 -10.39
N LEU A 82 -30.62 0.50 -10.03
CA LEU A 82 -29.14 0.59 -10.22
C LEU A 82 -28.81 0.89 -11.69
N GLU A 83 -29.41 0.12 -12.61
N GLU A 83 -29.42 0.14 -12.63
CA GLU A 83 -29.16 0.31 -14.07
CA GLU A 83 -29.10 0.33 -14.08
C GLU A 83 -29.45 1.77 -14.47
C GLU A 83 -29.48 1.75 -14.52
N GLU A 84 -30.62 2.28 -14.07
CA GLU A 84 -31.01 3.68 -14.44
C GLU A 84 -30.05 4.69 -13.81
N ALA A 85 -29.71 4.49 -12.53
CA ALA A 85 -28.83 5.44 -11.79
C ALA A 85 -27.45 5.50 -12.45
N PHE A 86 -26.97 4.36 -12.93
CA PHE A 86 -25.64 4.29 -13.60
C PHE A 86 -25.72 5.03 -14.94
N LYS A 87 -26.73 4.71 -15.75
CA LYS A 87 -26.89 5.31 -17.10
C LYS A 87 -27.21 6.81 -17.02
N GLU A 88 -27.86 7.26 -15.93
CA GLU A 88 -28.22 8.69 -15.78
C GLU A 88 -27.19 9.40 -14.88
N SER A 89 -26.08 8.72 -14.53
N SER A 89 -26.14 8.66 -14.50
CA SER A 89 -25.05 9.32 -13.64
CA SER A 89 -25.05 9.17 -13.63
C SER A 89 -25.72 9.94 -12.41
C SER A 89 -25.66 9.87 -12.40
N CYS A 90 -26.62 9.19 -11.75
CA CYS A 90 -27.39 9.74 -10.60
C CYS A 90 -26.53 9.83 -9.33
N VAL A 91 -26.09 11.03 -8.99
CA VAL A 91 -25.19 11.27 -7.83
C VAL A 91 -25.92 10.99 -6.51
N TRP A 92 -27.20 11.37 -6.38
CA TRP A 92 -27.86 11.17 -5.05
C TRP A 92 -27.92 9.69 -4.71
N TYR A 93 -28.18 8.83 -5.72
CA TYR A 93 -28.26 7.36 -5.52
C TYR A 93 -26.92 6.81 -5.03
N TYR A 94 -25.83 7.15 -5.74
CA TYR A 94 -24.47 6.66 -5.37
C TYR A 94 -23.96 7.30 -4.07
N LYS A 95 -24.37 8.53 -3.75
CA LYS A 95 -23.92 9.12 -2.47
C LYS A 95 -24.63 8.39 -1.31
N LYS A 96 -25.91 8.06 -1.49
CA LYS A 96 -26.67 7.35 -0.44
C LYS A 96 -26.07 5.94 -0.29
N LEU A 97 -25.64 5.35 -1.41
CA LEU A 97 -25.00 4.00 -1.42
C LEU A 97 -23.69 4.04 -0.62
N ILE A 98 -22.80 4.97 -0.97
CA ILE A 98 -21.46 5.02 -0.32
C ILE A 98 -21.62 5.44 1.16
N ASP A 99 -22.64 6.23 1.48
CA ASP A 99 -22.84 6.64 2.90
C ASP A 99 -23.18 5.41 3.76
N LYS A 100 -23.53 4.28 3.14
CA LYS A 100 -23.85 3.05 3.91
C LYS A 100 -22.60 2.17 4.06
N VAL A 101 -21.45 2.62 3.59
CA VAL A 101 -20.18 1.82 3.71
C VAL A 101 -19.19 2.62 4.57
N ASP A 102 -18.55 1.99 5.57
CA ASP A 102 -17.61 2.82 6.36
C ASP A 102 -16.38 3.13 5.52
N ALA A 103 -15.71 4.24 5.85
CA ALA A 103 -14.51 4.72 5.12
C ALA A 103 -13.42 3.63 5.13
N LYS A 104 -13.30 2.87 6.22
CA LYS A 104 -12.24 1.83 6.27
C LYS A 104 -12.48 0.81 5.15
N SER A 105 -13.73 0.41 4.92
CA SER A 105 -14.04 -0.59 3.86
C SER A 105 -13.71 0.01 2.48
N VAL A 106 -14.09 1.26 2.26
CA VAL A 106 -13.81 1.92 0.95
C VAL A 106 -12.28 2.05 0.80
N GLN A 107 -11.58 2.48 1.84
CA GLN A 107 -10.10 2.67 1.77
C GLN A 107 -9.41 1.36 1.41
N ASN A 108 -9.73 0.27 2.12
CA ASN A 108 -9.09 -1.05 1.88
C ASN A 108 -9.35 -1.50 0.44
N ILE A 109 -10.58 -1.32 -0.05
CA ILE A 109 -10.90 -1.72 -1.44
C ILE A 109 -10.11 -0.87 -2.45
N LEU A 110 -10.05 0.46 -2.25
CA LEU A 110 -9.32 1.29 -3.25
C LEU A 110 -7.83 0.96 -3.21
N ASP A 111 -7.26 0.80 -2.00
CA ASP A 111 -5.82 0.45 -1.84
C ASP A 111 -5.53 -0.88 -2.54
N ASP A 112 -6.43 -1.86 -2.40
CA ASP A 112 -6.22 -3.20 -3.02
C ASP A 112 -6.37 -3.07 -4.55
N LEU A 113 -7.22 -2.16 -5.04
CA LEU A 113 -7.37 -1.93 -6.51
C LEU A 113 -6.27 -1.02 -7.03
N LYS A 114 -5.48 -0.40 -6.14
CA LYS A 114 -4.48 0.62 -6.54
C LYS A 114 -5.23 1.69 -7.36
N TYR A 115 -6.31 2.24 -6.78
CA TYR A 115 -7.17 3.24 -7.47
C TYR A 115 -6.56 4.64 -7.33
N GLY A 116 -5.52 4.94 -8.11
CA GLY A 116 -4.86 6.26 -8.07
C GLY A 116 -4.35 6.60 -6.69
N ASN A 117 -4.63 7.82 -6.21
CA ASN A 117 -4.12 8.26 -4.89
C ASN A 117 -4.95 7.65 -3.75
N CYS A 118 -6.04 6.94 -4.05
CA CYS A 118 -6.87 6.30 -2.99
C CYS A 118 -7.18 7.30 -1.87
N ASP A 119 -7.37 8.57 -2.21
CA ASP A 119 -7.58 9.63 -1.17
C ASP A 119 -9.08 9.96 -1.06
N ILE A 120 -9.70 9.46 0.02
CA ILE A 120 -11.15 9.69 0.28
C ILE A 120 -11.28 10.63 1.50
N SER A 121 -10.22 11.36 1.82
CA SER A 121 -10.19 12.27 3.00
C SER A 121 -11.30 13.33 2.94
N GLU A 122 -11.63 13.82 1.74
CA GLU A 122 -12.73 14.82 1.63
C GLU A 122 -14.01 14.06 1.28
N TRP A 123 -14.47 13.23 2.21
CA TRP A 123 -15.64 12.34 2.04
C TRP A 123 -16.83 13.07 1.40
N GLU A 124 -17.22 14.21 1.96
CA GLU A 124 -18.43 14.95 1.50
C GLU A 124 -18.16 15.71 0.20
N GLY A 125 -16.90 15.78 -0.24
CA GLY A 125 -16.59 16.47 -1.51
C GLY A 125 -16.34 17.95 -1.30
N ASP A 126 -16.31 18.70 -2.39
CA ASP A 126 -16.01 20.15 -2.37
C ASP A 126 -17.32 20.93 -2.16
N LEU A 127 -17.69 21.19 -0.91
CA LEU A 127 -18.96 21.89 -0.58
C LEU A 127 -18.94 23.37 -0.98
N LYS A 128 -17.77 23.97 -1.22
CA LYS A 128 -17.74 25.41 -1.59
C LYS A 128 -18.32 25.62 -3.00
N ASN A 129 -18.81 24.57 -3.66
CA ASN A 129 -19.45 24.74 -5.00
C ASN A 129 -20.97 24.96 -4.79
N GLY A 130 -21.42 25.00 -3.53
CA GLY A 130 -22.82 25.27 -3.18
C GLY A 130 -23.81 24.18 -3.56
N LYS A 131 -23.33 23.00 -4.00
CA LYS A 131 -24.26 21.91 -4.42
C LYS A 131 -24.66 21.04 -3.22
N GLY A 132 -24.18 21.36 -2.02
CA GLY A 132 -24.57 20.62 -0.79
C GLY A 132 -24.28 19.13 -0.86
N HIS A 133 -25.32 18.29 -0.74
CA HIS A 133 -25.19 16.81 -0.72
C HIS A 133 -24.87 16.25 -2.13
N LEU A 134 -24.98 17.05 -3.19
CA LEU A 134 -24.59 16.58 -4.56
C LEU A 134 -23.08 16.82 -4.70
N ASN A 135 -22.32 16.13 -3.86
CA ASN A 135 -20.85 16.23 -3.80
C ASN A 135 -20.32 14.94 -3.20
N GLY A 136 -19.02 14.72 -3.37
CA GLY A 136 -18.37 13.52 -2.84
C GLY A 136 -16.88 13.55 -3.15
N PHE A 137 -16.13 12.67 -2.50
CA PHE A 137 -14.65 12.63 -2.66
C PHE A 137 -14.27 12.36 -4.13
N TRP A 138 -15.19 11.78 -4.89
CA TRP A 138 -14.88 11.39 -6.30
C TRP A 138 -15.29 12.48 -7.30
N LEU A 139 -15.85 13.60 -6.85
CA LEU A 139 -16.32 14.68 -7.77
C LEU A 139 -15.50 15.96 -7.56
N GLU A 140 -14.42 16.12 -8.36
CA GLU A 140 -13.52 17.30 -8.28
C GLU A 140 -13.13 17.51 -6.82
N SER A 141 -12.64 16.45 -6.17
CA SER A 141 -12.29 16.52 -4.73
C SER A 141 -10.98 15.77 -4.46
N SER A 142 -10.89 15.03 -3.36
CA SER A 142 -9.58 14.46 -2.96
C SER A 142 -9.15 13.28 -3.83
N LEU A 143 -10.08 12.48 -4.35
CA LEU A 143 -9.68 11.26 -5.09
C LEU A 143 -9.21 11.61 -6.50
N GLN A 144 -8.03 11.13 -6.90
CA GLN A 144 -7.50 11.40 -8.26
C GLN A 144 -6.88 10.13 -8.83
N ILE A 145 -7.02 9.96 -10.15
CA ILE A 145 -6.55 8.74 -10.86
C ILE A 145 -6.23 9.11 -12.31
N SER A 146 -5.18 8.53 -12.88
CA SER A 146 -4.78 8.84 -14.27
C SER A 146 -5.56 7.96 -15.24
N PRO A 147 -5.74 8.35 -16.52
CA PRO A 147 -6.36 7.47 -17.50
C PRO A 147 -5.67 6.10 -17.58
N LYS A 148 -4.34 6.06 -17.45
CA LYS A 148 -3.63 4.76 -17.51
C LYS A 148 -4.05 3.91 -16.30
N GLU A 149 -4.13 4.54 -15.13
CA GLU A 149 -4.55 3.82 -13.89
C GLU A 149 -6.00 3.35 -14.05
N GLN A 150 -6.86 4.12 -14.74
CA GLN A 150 -8.26 3.67 -14.98
C GLN A 150 -8.23 2.38 -15.79
N VAL A 151 -7.43 2.36 -16.87
CA VAL A 151 -7.36 1.14 -17.73
C VAL A 151 -6.80 -0.03 -16.91
N GLN A 152 -5.75 0.20 -16.11
CA GLN A 152 -5.16 -0.91 -15.29
C GLN A 152 -6.23 -1.42 -14.32
N THR A 153 -7.04 -0.51 -13.76
CA THR A 153 -8.14 -0.91 -12.83
C THR A 153 -9.20 -1.72 -13.59
N MET A 154 -9.65 -1.23 -14.75
CA MET A 154 -10.65 -1.97 -15.59
C MET A 154 -10.13 -3.38 -15.91
N ALA A 155 -8.87 -3.49 -16.31
CA ALA A 155 -8.27 -4.79 -16.68
C ALA A 155 -8.35 -5.77 -15.50
N LYS A 156 -7.91 -5.33 -14.32
CA LYS A 156 -7.89 -6.22 -13.12
C LYS A 156 -9.33 -6.63 -12.75
N ILE A 157 -10.27 -5.70 -12.80
CA ILE A 157 -11.69 -6.05 -12.49
C ILE A 157 -12.23 -7.10 -13.47
N PHE A 158 -12.23 -6.79 -14.76
CA PHE A 158 -12.88 -7.67 -15.76
C PHE A 158 -12.05 -8.91 -16.11
N GLU A 159 -10.75 -8.95 -15.77
CA GLU A 159 -9.96 -10.18 -16.07
C GLU A 159 -10.00 -11.10 -14.84
N GLY A 160 -10.69 -10.68 -13.76
CA GLY A 160 -10.87 -11.50 -12.54
C GLY A 160 -9.70 -11.44 -11.57
N ASP A 161 -8.89 -10.37 -11.59
CA ASP A 161 -7.71 -10.28 -10.70
C ASP A 161 -8.05 -9.56 -9.39
N THR A 162 -9.31 -9.22 -9.12
CA THR A 162 -9.67 -8.50 -7.85
C THR A 162 -10.43 -9.44 -6.90
N ASN A 163 -10.83 -8.90 -5.74
CA ASN A 163 -11.59 -9.67 -4.71
C ASN A 163 -13.09 -9.64 -4.99
N PHE A 164 -13.54 -8.81 -5.95
CA PHE A 164 -14.99 -8.73 -6.24
C PHE A 164 -15.51 -10.05 -6.80
N LYS A 165 -16.76 -10.40 -6.48
CA LYS A 165 -17.39 -11.65 -6.97
C LYS A 165 -17.68 -11.52 -8.47
N LYS A 166 -17.53 -12.62 -9.22
CA LYS A 166 -17.79 -12.60 -10.68
C LYS A 166 -19.26 -12.24 -10.93
N GLU A 167 -20.15 -12.61 -10.01
N GLU A 167 -20.15 -12.61 -10.01
CA GLU A 167 -21.61 -12.30 -10.11
CA GLU A 167 -21.61 -12.29 -10.18
C GLU A 167 -21.81 -10.78 -10.14
C GLU A 167 -21.81 -10.77 -10.15
N HIS A 168 -21.07 -10.06 -9.30
CA HIS A 168 -21.22 -8.58 -9.19
C HIS A 168 -20.60 -7.91 -10.42
N ILE A 169 -19.46 -8.45 -10.87
CA ILE A 169 -18.76 -7.92 -12.06
C ILE A 169 -19.67 -8.10 -13.28
N ASN A 170 -20.40 -9.21 -13.34
CA ASN A 170 -21.34 -9.47 -14.48
C ASN A 170 -22.46 -8.42 -14.45
N ILE A 171 -22.93 -8.05 -13.25
CA ILE A 171 -24.00 -7.03 -13.13
C ILE A 171 -23.45 -5.70 -13.68
N LEU A 172 -22.22 -5.36 -13.27
CA LEU A 172 -21.57 -4.10 -13.73
C LEU A 172 -21.42 -4.12 -15.25
N ARG A 173 -20.92 -5.23 -15.81
CA ARG A 173 -20.71 -5.33 -17.28
C ARG A 173 -22.03 -5.02 -18.00
N ASP A 174 -23.13 -5.60 -17.52
CA ASP A 174 -24.47 -5.43 -18.12
C ASP A 174 -24.90 -3.95 -18.13
N ILE A 175 -24.80 -3.26 -16.99
CA ILE A 175 -25.25 -1.83 -16.92
C ILE A 175 -24.31 -0.91 -17.70
N MET A 176 -23.07 -1.35 -17.98
CA MET A 176 -22.07 -0.53 -18.74
C MET A 176 -22.24 -0.69 -20.26
N LYS A 177 -23.00 -1.67 -20.72
CA LYS A 177 -23.10 -1.90 -22.19
C LYS A 177 -23.71 -0.67 -22.86
N ILE A 178 -23.16 -0.26 -24.02
CA ILE A 178 -23.71 0.89 -24.79
C ILE A 178 -23.99 0.42 -26.23
N ASP A 179 -24.99 1.02 -26.87
CA ASP A 179 -25.34 0.63 -28.28
C ASP A 179 -24.52 1.51 -29.21
N VAL A 180 -23.69 0.91 -30.07
CA VAL A 180 -22.84 1.69 -31.02
C VAL A 180 -23.30 1.46 -32.47
N ASN A 181 -24.41 0.74 -32.67
CA ASN A 181 -24.95 0.47 -34.04
C ASN A 181 -23.94 -0.41 -34.80
N ASP A 182 -23.41 -1.45 -34.14
CA ASP A 182 -22.42 -2.36 -34.76
C ASP A 182 -22.38 -3.63 -33.92
N LYS A 183 -23.18 -4.63 -34.31
CA LYS A 183 -23.32 -5.91 -33.55
C LYS A 183 -22.05 -6.77 -33.64
N ASN A 184 -21.08 -6.36 -34.47
N ASN A 184 -21.08 -6.35 -34.46
CA ASN A 184 -19.80 -7.11 -34.61
CA ASN A 184 -19.80 -7.11 -34.61
C ASN A 184 -18.88 -6.78 -33.43
C ASN A 184 -18.87 -6.77 -33.44
N ILE A 185 -19.17 -5.70 -32.70
CA ILE A 185 -18.33 -5.28 -31.54
C ILE A 185 -19.21 -5.01 -30.31
N ASN A 186 -18.66 -5.25 -29.12
CA ASN A 186 -19.36 -4.96 -27.85
C ASN A 186 -18.59 -3.82 -27.17
N VAL A 187 -19.26 -2.70 -26.89
CA VAL A 187 -18.63 -1.53 -26.21
C VAL A 187 -19.31 -1.32 -24.85
N TYR A 188 -18.49 -1.10 -23.81
CA TYR A 188 -19.02 -0.86 -22.44
C TYR A 188 -18.29 0.36 -21.87
N GLY A 189 -18.96 1.15 -21.03
CA GLY A 189 -18.24 2.31 -20.50
C GLY A 189 -19.09 3.19 -19.62
N LYS A 190 -18.43 4.18 -19.03
CA LYS A 190 -19.08 5.15 -18.14
C LYS A 190 -18.51 6.54 -18.44
N THR A 191 -19.40 7.51 -18.52
CA THR A 191 -19.01 8.92 -18.75
C THR A 191 -18.66 9.57 -17.42
N GLY A 192 -17.93 10.68 -17.50
CA GLY A 192 -17.58 11.49 -16.32
C GLY A 192 -17.49 12.94 -16.75
N THR A 193 -18.08 13.83 -15.95
CA THR A 193 -18.06 15.28 -16.25
C THR A 193 -17.74 16.06 -14.97
N GLY A 194 -16.67 16.84 -15.02
CA GLY A 194 -16.32 17.70 -13.89
C GLY A 194 -15.61 18.92 -14.44
N PHE A 195 -15.52 19.96 -13.63
CA PHE A 195 -14.72 21.15 -14.01
C PHE A 195 -13.73 21.41 -12.87
N ASP A 196 -12.43 21.42 -13.19
CA ASP A 196 -11.36 21.70 -12.20
C ASP A 196 -11.29 23.23 -12.07
N GLU A 197 -11.91 23.77 -11.03
CA GLU A 197 -12.01 25.24 -10.81
C GLU A 197 -10.61 25.84 -10.56
N LYS A 198 -9.73 25.10 -9.89
CA LYS A 198 -8.36 25.61 -9.59
C LYS A 198 -7.58 25.82 -10.90
N ASN A 199 -7.62 24.86 -11.82
CA ASN A 199 -6.82 24.92 -13.08
C ASN A 199 -7.67 25.42 -14.25
N LYS A 200 -8.98 25.61 -14.05
CA LYS A 200 -9.90 26.10 -15.12
C LYS A 200 -9.85 25.18 -16.34
N ARG A 201 -9.97 23.87 -16.12
CA ARG A 201 -10.00 22.89 -17.24
C ARG A 201 -11.07 21.83 -16.94
N VAL A 202 -11.65 21.26 -17.99
CA VAL A 202 -12.65 20.18 -17.76
C VAL A 202 -11.93 18.88 -17.39
N ASP A 203 -12.69 18.00 -16.73
CA ASP A 203 -12.33 16.57 -16.51
C ASP A 203 -13.46 15.83 -17.21
N ALA A 204 -13.30 15.60 -18.51
CA ALA A 204 -14.34 14.91 -19.30
C ALA A 204 -13.81 13.52 -19.64
N TRP A 205 -14.57 12.50 -19.26
CA TRP A 205 -14.10 11.10 -19.38
C TRP A 205 -15.09 10.19 -20.10
N PHE A 206 -14.52 9.12 -20.63
CA PHE A 206 -15.28 7.94 -21.09
C PHE A 206 -14.31 6.78 -20.87
N VAL A 207 -14.65 5.91 -19.92
CA VAL A 207 -13.78 4.77 -19.51
C VAL A 207 -14.56 3.47 -19.69
N GLY A 208 -13.90 2.45 -20.23
CA GLY A 208 -14.63 1.18 -20.38
C GLY A 208 -13.80 0.15 -21.10
N MET A 209 -14.45 -0.65 -21.95
CA MET A 209 -13.72 -1.68 -22.72
C MET A 209 -14.48 -2.02 -24.00
N LEU A 210 -13.75 -2.65 -24.93
CA LEU A 210 -14.24 -3.06 -26.27
C LEU A 210 -13.94 -4.55 -26.46
N GLU A 211 -14.92 -5.32 -26.94
CA GLU A 211 -14.73 -6.75 -27.27
C GLU A 211 -14.98 -6.94 -28.77
N ARG A 212 -13.98 -7.39 -29.49
CA ARG A 212 -14.13 -7.57 -30.96
C ARG A 212 -13.31 -8.78 -31.44
N GLU A 213 -14.02 -9.79 -31.94
CA GLU A 213 -13.43 -11.02 -32.54
C GLU A 213 -12.32 -11.61 -31.66
N GLY A 214 -12.68 -12.07 -30.46
CA GLY A 214 -11.72 -12.73 -29.55
C GLY A 214 -10.72 -11.78 -28.89
N ASP A 215 -10.74 -10.48 -29.23
CA ASP A 215 -9.79 -9.52 -28.62
C ASP A 215 -10.54 -8.58 -27.66
N THR A 216 -9.88 -8.19 -26.56
CA THR A 216 -10.49 -7.25 -25.58
C THR A 216 -9.53 -6.07 -25.38
N TYR A 217 -10.07 -4.85 -25.42
CA TYR A 217 -9.26 -3.63 -25.15
C TYR A 217 -9.90 -2.84 -24.01
N TYR A 218 -9.12 -2.51 -22.99
CA TYR A 218 -9.59 -1.64 -21.89
C TYR A 218 -9.20 -0.22 -22.28
N PHE A 219 -10.07 0.77 -22.09
CA PHE A 219 -9.69 2.11 -22.58
C PHE A 219 -10.15 3.22 -21.63
N ALA A 220 -9.51 4.37 -21.80
CA ALA A 220 -9.81 5.60 -21.07
C ALA A 220 -9.56 6.76 -22.03
N ILE A 221 -10.62 7.50 -22.34
CA ILE A 221 -10.54 8.71 -23.19
C ILE A 221 -10.72 9.89 -22.24
N LYS A 222 -9.85 10.89 -22.34
CA LYS A 222 -9.89 12.01 -21.38
C LYS A 222 -9.66 13.35 -22.09
N SER A 223 -10.45 14.35 -21.73
CA SER A 223 -10.24 15.73 -22.22
C SER A 223 -9.91 16.63 -21.01
N ASP A 224 -8.97 17.55 -21.21
CA ASP A 224 -8.62 18.61 -20.23
C ASP A 224 -8.81 19.98 -20.92
N ASP A 225 -9.78 20.05 -21.84
CA ASP A 225 -10.03 21.29 -22.63
C ASP A 225 -10.45 22.46 -21.73
N SER A 226 -10.22 23.69 -22.20
CA SER A 226 -10.63 24.93 -21.46
C SER A 226 -12.13 25.16 -21.56
N ASN A 227 -12.76 24.62 -22.63
CA ASN A 227 -14.20 24.85 -22.96
C ASN A 227 -15.11 23.95 -22.11
N LYS A 228 -15.95 24.57 -21.25
CA LYS A 228 -16.89 23.80 -20.38
C LYS A 228 -17.89 23.01 -21.22
N GLU A 229 -18.07 23.33 -22.50
CA GLU A 229 -18.99 22.54 -23.37
C GLU A 229 -18.46 21.11 -23.49
N ILE A 230 -17.17 20.89 -23.21
CA ILE A 230 -16.59 19.52 -23.37
C ILE A 230 -16.90 18.70 -22.12
N THR A 231 -17.87 17.79 -22.25
CA THR A 231 -18.39 16.95 -21.16
C THR A 231 -18.12 15.47 -21.45
N GLY A 232 -18.44 14.60 -20.48
CA GLY A 232 -18.30 13.14 -20.68
C GLY A 232 -19.00 12.68 -21.95
N PRO A 233 -20.28 13.08 -22.17
CA PRO A 233 -20.99 12.71 -23.40
C PRO A 233 -20.22 13.07 -24.68
N LYS A 234 -19.53 14.21 -24.68
CA LYS A 234 -18.74 14.64 -25.87
C LYS A 234 -17.53 13.71 -26.01
N VAL A 235 -16.89 13.40 -24.89
CA VAL A 235 -15.71 12.48 -24.92
C VAL A 235 -16.19 11.08 -25.29
N LYS A 236 -17.44 10.71 -24.95
CA LYS A 236 -17.98 9.39 -25.37
C LYS A 236 -18.08 9.38 -26.91
N GLU A 237 -18.51 10.49 -27.51
CA GLU A 237 -18.63 10.59 -28.98
C GLU A 237 -17.25 10.39 -29.62
N ILE A 238 -16.23 11.05 -29.07
CA ILE A 238 -14.82 10.91 -29.53
C ILE A 238 -14.38 9.44 -29.40
N ALA A 239 -14.66 8.82 -28.27
CA ALA A 239 -14.29 7.40 -28.02
C ALA A 239 -14.87 6.49 -29.10
N ILE A 240 -16.16 6.64 -29.38
CA ILE A 240 -16.86 5.79 -30.39
C ILE A 240 -16.20 6.03 -31.76
N ASN A 241 -15.84 7.28 -32.05
CA ASN A 241 -15.20 7.61 -33.35
C ASN A 241 -13.80 6.98 -33.42
N ILE A 242 -13.07 6.94 -32.29
CA ILE A 242 -11.73 6.29 -32.26
C ILE A 242 -11.92 4.79 -32.50
N ILE A 243 -12.93 4.21 -31.86
CA ILE A 243 -13.22 2.76 -31.94
C ILE A 243 -13.58 2.41 -33.39
N LYS A 244 -14.44 3.21 -34.02
CA LYS A 244 -14.89 2.97 -35.41
C LYS A 244 -13.71 3.05 -36.37
N LYS A 245 -12.82 4.04 -36.21
CA LYS A 245 -11.72 4.21 -37.18
C LYS A 245 -10.51 3.32 -36.88
N TYR A 246 -10.18 3.05 -35.60
CA TYR A 246 -8.91 2.33 -35.31
C TYR A 246 -9.10 0.95 -34.69
N TYR A 247 -10.31 0.54 -34.31
CA TYR A 247 -10.50 -0.77 -33.61
C TYR A 247 -11.62 -1.60 -34.26
N SER A 248 -11.97 -1.31 -35.51
CA SER A 248 -13.05 -2.08 -36.22
C SER A 248 -12.51 -3.36 -36.86
N VAL A 249 -11.20 -3.45 -37.10
CA VAL A 249 -10.59 -4.67 -37.71
C VAL A 249 -9.07 -4.60 -37.56
N VAL B 2 43.93 -8.51 0.34
CA VAL B 2 42.44 -8.68 0.38
C VAL B 2 41.87 -8.34 -1.00
N ASP B 3 41.91 -9.31 -1.93
CA ASP B 3 41.39 -9.16 -3.31
C ASP B 3 40.32 -10.23 -3.57
N TYR B 4 39.05 -9.82 -3.67
CA TYR B 4 37.92 -10.77 -3.85
C TYR B 4 37.86 -11.33 -5.28
N SER B 5 38.67 -10.80 -6.22
CA SER B 5 38.63 -11.20 -7.65
C SER B 5 38.86 -12.69 -7.88
N ASP B 6 39.71 -13.33 -7.07
CA ASP B 6 40.05 -14.77 -7.29
C ASP B 6 38.89 -15.70 -6.86
N CYS B 7 37.92 -15.21 -6.10
CA CYS B 7 36.80 -16.08 -5.62
C CYS B 7 35.66 -16.14 -6.64
N PHE B 8 35.73 -15.33 -7.72
CA PHE B 8 34.65 -15.28 -8.73
C PHE B 8 34.79 -16.42 -9.76
N GLU B 9 35.92 -17.13 -9.78
CA GLU B 9 36.09 -18.29 -10.71
C GLU B 9 35.81 -17.86 -12.16
N GLY B 10 36.24 -16.65 -12.54
CA GLY B 10 36.06 -16.17 -13.93
C GLY B 10 34.68 -15.58 -14.20
N ILE B 11 33.79 -15.56 -13.20
CA ILE B 11 32.42 -14.99 -13.40
C ILE B 11 32.49 -13.47 -13.27
N SER B 12 31.88 -12.74 -14.20
CA SER B 12 31.87 -11.26 -14.20
C SER B 12 31.05 -10.74 -13.01
N GLY B 13 31.63 -9.87 -12.19
CA GLY B 13 30.86 -9.34 -11.06
C GLY B 13 31.67 -8.45 -10.14
N GLY B 14 31.07 -8.12 -9.00
CA GLY B 14 31.70 -7.28 -7.97
C GLY B 14 31.28 -7.70 -6.58
N ALA B 15 31.96 -7.15 -5.58
CA ALA B 15 31.65 -7.45 -4.17
C ALA B 15 31.95 -6.20 -3.33
N ILE B 16 31.16 -6.00 -2.28
CA ILE B 16 31.39 -4.85 -1.36
C ILE B 16 31.10 -5.32 0.06
N PHE B 17 32.02 -5.00 0.97
CA PHE B 17 31.89 -5.35 2.41
C PHE B 17 32.07 -4.07 3.23
N TYR B 18 31.15 -3.84 4.16
CA TYR B 18 31.17 -2.67 5.07
C TYR B 18 31.33 -3.16 6.51
N ASN B 19 32.31 -2.62 7.23
CA ASN B 19 32.57 -3.03 8.63
C ASN B 19 31.97 -1.96 9.55
N THR B 20 31.13 -2.37 10.49
CA THR B 20 30.43 -1.44 11.41
C THR B 20 31.41 -0.74 12.37
N LYS B 21 32.53 -1.40 12.70
CA LYS B 21 33.51 -0.86 13.70
C LYS B 21 34.28 0.33 13.11
N ASN B 22 34.98 0.12 11.98
CA ASN B 22 35.82 1.20 11.35
C ASN B 22 35.03 1.97 10.28
N LYS B 23 33.81 1.55 9.92
CA LYS B 23 32.95 2.26 8.92
C LYS B 23 33.59 2.23 7.51
N GLU B 24 34.55 1.28 7.30
CA GLU B 24 35.27 1.20 6.01
C GLU B 24 34.60 0.22 5.04
N TYR B 25 34.66 0.55 3.76
CA TYR B 25 34.16 -0.33 2.68
C TYR B 25 35.34 -0.94 1.92
N ASN B 26 35.31 -2.27 1.74
CA ASN B 26 36.27 -3.03 0.90
C ASN B 26 35.53 -3.27 -0.40
N ILE B 27 36.09 -2.84 -1.53
CA ILE B 27 35.32 -2.91 -2.81
C ILE B 27 36.09 -3.65 -3.90
N TYR B 28 35.38 -4.53 -4.58
CA TYR B 28 35.90 -5.23 -5.79
C TYR B 28 34.99 -4.83 -6.95
N ASN B 29 35.53 -4.08 -7.92
CA ASN B 29 34.81 -3.59 -9.12
C ASN B 29 33.90 -2.41 -8.72
N LYS B 30 34.50 -1.25 -8.47
CA LYS B 30 33.78 -0.04 -7.99
C LYS B 30 32.63 0.34 -8.95
N GLU B 31 32.88 0.36 -10.26
CA GLU B 31 31.85 0.77 -11.25
C GLU B 31 30.63 -0.15 -11.14
N LEU B 32 30.85 -1.46 -11.05
CA LEU B 32 29.69 -2.39 -10.94
C LEU B 32 28.96 -2.21 -9.60
N ILE B 33 29.70 -2.05 -8.49
N ILE B 33 29.73 -2.03 -8.53
CA ILE B 33 28.99 -1.94 -7.17
CA ILE B 33 29.19 -1.86 -7.14
C ILE B 33 28.30 -0.57 -7.03
C ILE B 33 28.34 -0.59 -7.03
N GLU B 34 28.56 0.39 -7.93
CA GLU B 34 27.82 1.69 -7.89
C GLU B 34 26.71 1.67 -8.96
N THR B 35 26.51 0.55 -9.66
CA THR B 35 25.50 0.46 -10.75
C THR B 35 24.16 -0.08 -10.22
N ARG B 36 23.08 0.69 -10.40
CA ARG B 36 21.74 0.24 -9.94
C ARG B 36 21.21 -0.84 -10.90
N ARG B 37 20.69 -1.92 -10.32
CA ARG B 37 20.09 -3.05 -11.07
C ARG B 37 18.87 -3.55 -10.30
N SER B 38 17.99 -4.29 -10.97
CA SER B 38 16.85 -4.90 -10.26
C SER B 38 17.37 -5.71 -9.07
N PRO B 39 16.78 -5.58 -7.88
CA PRO B 39 17.18 -6.40 -6.73
C PRO B 39 16.73 -7.86 -6.84
N ALA B 40 15.77 -8.13 -7.71
CA ALA B 40 15.17 -9.49 -7.83
C ALA B 40 14.71 -9.94 -6.43
N SER B 41 14.84 -11.23 -6.10
CA SER B 41 14.34 -11.74 -4.79
C SER B 41 15.08 -11.14 -3.57
N THR B 42 16.19 -10.42 -3.74
CA THR B 42 16.81 -9.81 -2.53
C THR B 42 15.82 -8.79 -1.94
N PHE B 43 14.84 -8.35 -2.73
CA PHE B 43 13.83 -7.39 -2.22
C PHE B 43 13.01 -8.02 -1.08
N KCX B 44 12.98 -9.36 -1.02
CA KCX B 44 12.20 -10.03 0.01
CB KCX B 44 12.22 -11.54 -0.20
CG KCX B 44 11.41 -12.04 -1.39
CD KCX B 44 11.29 -13.55 -1.42
CE KCX B 44 10.33 -14.06 -2.47
NZ KCX B 44 10.77 -13.72 -3.81
C KCX B 44 12.71 -9.65 1.41
O KCX B 44 11.98 -9.79 2.37
CX KCX B 44 10.34 -12.63 -4.42
OQ1 KCX B 44 10.93 -12.41 -5.58
OQ2 KCX B 44 9.51 -11.88 -3.95
N ILE B 45 13.96 -9.18 1.51
CA ILE B 45 14.43 -8.71 2.81
C ILE B 45 13.52 -7.55 3.25
N VAL B 46 13.29 -6.62 2.33
CA VAL B 46 12.49 -5.40 2.65
C VAL B 46 10.99 -5.70 2.60
N SER B 47 10.52 -6.50 1.64
CA SER B 47 9.05 -6.77 1.59
C SER B 47 8.63 -7.49 2.88
N THR B 48 9.48 -8.37 3.44
CA THR B 48 9.15 -9.05 4.72
C THR B 48 8.93 -7.99 5.80
N LEU B 49 9.84 -7.03 5.92
CA LEU B 49 9.70 -5.98 6.97
C LEU B 49 8.45 -5.13 6.72
N ILE B 50 8.18 -4.77 5.46
CA ILE B 50 6.96 -3.98 5.15
C ILE B 50 5.73 -4.80 5.57
N GLY B 51 5.71 -6.08 5.20
CA GLY B 51 4.58 -6.96 5.55
C GLY B 51 4.35 -7.02 7.06
N LEU B 52 5.41 -7.17 7.84
CA LEU B 52 5.28 -7.21 9.33
C LEU B 52 4.84 -5.83 9.86
N GLU B 53 5.51 -4.76 9.41
CA GLU B 53 5.13 -3.39 9.85
C GLU B 53 3.64 -3.12 9.61
N LYS B 54 3.10 -3.57 8.46
CA LYS B 54 1.70 -3.28 8.06
C LYS B 54 0.71 -4.34 8.59
N GLY B 55 1.18 -5.39 9.26
CA GLY B 55 0.27 -6.39 9.85
C GLY B 55 -0.22 -7.43 8.85
N VAL B 56 0.33 -7.46 7.62
CA VAL B 56 -0.09 -8.47 6.61
C VAL B 56 0.39 -9.86 7.10
N ILE B 57 1.53 -9.87 7.79
CA ILE B 57 2.15 -11.07 8.42
C ILE B 57 2.56 -10.65 9.83
N ASN B 58 2.88 -11.61 10.70
CA ASN B 58 3.15 -11.25 12.11
C ASN B 58 4.23 -12.13 12.74
N SER B 59 4.63 -13.20 12.03
CA SER B 59 5.57 -14.18 12.62
C SER B 59 6.20 -15.06 11.53
N LYS B 60 7.18 -15.87 11.92
CA LYS B 60 7.82 -16.79 10.96
C LYS B 60 6.81 -17.86 10.51
N GLU B 61 5.71 -18.06 11.25
CA GLU B 61 4.70 -19.09 10.86
C GLU B 61 3.59 -18.49 9.98
N SER B 62 3.57 -17.16 9.82
CA SER B 62 2.48 -16.48 9.06
C SER B 62 2.28 -17.11 7.68
N VAL B 63 1.02 -17.33 7.32
CA VAL B 63 0.65 -17.89 5.98
C VAL B 63 -0.20 -16.85 5.24
N MET B 64 -0.21 -16.92 3.91
CA MET B 64 -0.93 -15.94 3.07
C MET B 64 -2.17 -16.59 2.43
N GLY B 65 -2.34 -17.90 2.56
CA GLY B 65 -3.50 -18.57 1.92
C GLY B 65 -3.10 -19.05 0.53
N TYR B 66 -3.24 -20.35 0.29
CA TYR B 66 -2.82 -21.00 -0.98
C TYR B 66 -4.05 -21.38 -1.82
N ASP B 67 -4.06 -20.97 -3.09
CA ASP B 67 -5.23 -21.22 -3.98
C ASP B 67 -5.12 -22.60 -4.66
N GLY B 68 -4.12 -23.42 -4.32
CA GLY B 68 -4.03 -24.77 -4.92
C GLY B 68 -3.30 -24.80 -6.26
N THR B 69 -2.95 -23.63 -6.83
CA THR B 69 -2.19 -23.65 -8.10
C THR B 69 -0.92 -24.46 -7.92
N GLU B 70 -0.59 -25.36 -8.87
CA GLU B 70 0.67 -26.14 -8.79
C GLU B 70 1.68 -25.55 -9.78
N TYR B 71 2.79 -25.06 -9.24
CA TYR B 71 3.88 -24.39 -10.00
C TYR B 71 4.96 -25.39 -10.35
N PRO B 72 5.79 -25.10 -11.38
CA PRO B 72 6.92 -25.97 -11.73
C PRO B 72 7.85 -26.12 -10.51
N ASN B 73 7.96 -25.06 -9.69
CA ASN B 73 8.78 -25.16 -8.45
C ASN B 73 7.86 -25.80 -7.39
N LYS B 74 8.03 -27.09 -7.18
CA LYS B 74 7.12 -27.87 -6.27
C LYS B 74 7.26 -27.41 -4.81
N ASN B 75 8.31 -26.65 -4.48
CA ASN B 75 8.53 -26.13 -3.11
C ASN B 75 7.54 -24.98 -2.84
N TRP B 76 6.82 -24.54 -3.86
CA TRP B 76 5.82 -23.43 -3.71
C TRP B 76 4.40 -23.98 -3.59
N ASN B 77 4.23 -25.30 -3.69
CA ASN B 77 2.86 -25.90 -3.82
C ASN B 77 2.21 -26.25 -2.48
N LYS B 78 2.14 -25.28 -1.58
CA LYS B 78 1.43 -25.50 -0.30
C LYS B 78 1.26 -24.14 0.38
N ASN B 79 0.47 -24.11 1.46
CA ASN B 79 0.23 -22.87 2.24
C ASN B 79 1.49 -22.67 3.10
N LEU B 80 2.58 -22.22 2.48
CA LEU B 80 3.85 -22.21 3.22
C LEU B 80 3.97 -20.99 4.16
N SER B 81 4.76 -21.17 5.21
CA SER B 81 5.02 -20.14 6.23
C SER B 81 5.92 -19.05 5.65
N LEU B 82 6.02 -17.92 6.37
CA LEU B 82 6.94 -16.84 5.99
C LEU B 82 8.36 -17.42 5.87
N GLU B 83 8.78 -18.20 6.87
CA GLU B 83 10.15 -18.77 6.86
C GLU B 83 10.36 -19.58 5.58
N GLU B 84 9.39 -20.44 5.21
CA GLU B 84 9.54 -21.28 3.99
C GLU B 84 9.48 -20.41 2.73
N ALA B 85 8.60 -19.42 2.72
CA ALA B 85 8.43 -18.58 1.52
C ALA B 85 9.72 -17.80 1.27
N PHE B 86 10.35 -17.32 2.34
CA PHE B 86 11.61 -16.56 2.20
C PHE B 86 12.71 -17.50 1.67
N LYS B 87 12.83 -18.67 2.28
CA LYS B 87 13.92 -19.64 1.95
C LYS B 87 13.70 -20.23 0.55
N GLU B 88 12.45 -20.37 0.11
CA GLU B 88 12.17 -20.93 -1.24
C GLU B 88 11.97 -19.79 -2.26
N SER B 89 12.18 -18.53 -1.86
N SER B 89 12.15 -18.54 -1.84
CA SER B 89 11.99 -17.38 -2.78
CA SER B 89 11.99 -17.36 -2.71
C SER B 89 10.62 -17.49 -3.47
C SER B 89 10.64 -17.47 -3.43
N CYS B 90 9.58 -17.74 -2.67
CA CYS B 90 8.23 -17.92 -3.23
C CYS B 90 7.58 -16.62 -3.71
N VAL B 91 7.61 -16.38 -5.02
CA VAL B 91 7.05 -15.13 -5.62
C VAL B 91 5.54 -15.02 -5.35
N TRP B 92 4.75 -16.11 -5.44
CA TRP B 92 3.28 -15.93 -5.26
C TRP B 92 2.98 -15.43 -3.85
N TYR B 93 3.70 -15.94 -2.85
CA TYR B 93 3.48 -15.52 -1.45
C TYR B 93 3.78 -14.01 -1.31
N TYR B 94 4.95 -13.59 -1.80
CA TYR B 94 5.36 -12.16 -1.65
C TYR B 94 4.53 -11.22 -2.54
N LYS B 95 4.01 -11.71 -3.66
CA LYS B 95 3.15 -10.82 -4.48
C LYS B 95 1.84 -10.60 -3.74
N LYS B 96 1.28 -11.65 -3.14
CA LYS B 96 -0.01 -11.52 -2.41
C LYS B 96 0.20 -10.61 -1.19
N LEU B 97 1.36 -10.71 -0.54
CA LEU B 97 1.72 -9.88 0.64
C LEU B 97 1.84 -8.41 0.24
N ILE B 98 2.65 -8.10 -0.77
CA ILE B 98 2.85 -6.67 -1.13
C ILE B 98 1.55 -6.07 -1.70
N ASP B 99 0.76 -6.83 -2.44
CA ASP B 99 -0.51 -6.29 -3.00
C ASP B 99 -1.45 -5.88 -1.86
N LYS B 100 -1.26 -6.42 -0.65
CA LYS B 100 -2.12 -6.05 0.50
C LYS B 100 -1.58 -4.77 1.14
N VAL B 101 -0.52 -4.19 0.60
CA VAL B 101 0.00 -2.92 1.18
C VAL B 101 -0.34 -1.78 0.21
N ASP B 102 -0.72 -0.62 0.76
CA ASP B 102 -1.05 0.56 -0.08
C ASP B 102 0.25 1.07 -0.74
N ALA B 103 0.16 1.62 -1.95
CA ALA B 103 1.36 2.10 -2.67
C ALA B 103 2.09 3.20 -1.88
N LYS B 104 1.36 4.11 -1.22
CA LYS B 104 2.01 5.22 -0.45
C LYS B 104 2.90 4.68 0.65
N SER B 105 2.44 3.69 1.42
CA SER B 105 3.28 3.14 2.51
C SER B 105 4.56 2.54 1.91
N VAL B 106 4.45 1.80 0.80
CA VAL B 106 5.66 1.22 0.17
C VAL B 106 6.58 2.34 -0.29
N GLN B 107 6.03 3.36 -0.96
CA GLN B 107 6.87 4.47 -1.48
C GLN B 107 7.61 5.15 -0.32
N ASN B 108 6.89 5.49 0.75
CA ASN B 108 7.47 6.22 1.92
C ASN B 108 8.56 5.37 2.58
N ILE B 109 8.35 4.06 2.68
CA ILE B 109 9.36 3.17 3.33
C ILE B 109 10.61 3.10 2.45
N LEU B 110 10.45 2.87 1.13
CA LEU B 110 11.65 2.80 0.26
C LEU B 110 12.39 4.14 0.29
N ASP B 111 11.67 5.28 0.26
CA ASP B 111 12.31 6.62 0.27
C ASP B 111 13.13 6.78 1.54
N ASP B 112 12.56 6.40 2.69
CA ASP B 112 13.27 6.54 4.00
C ASP B 112 14.46 5.57 4.04
N LEU B 113 14.37 4.43 3.36
CA LEU B 113 15.49 3.45 3.36
C LEU B 113 16.53 3.83 2.31
N LYS B 114 16.22 4.82 1.47
CA LYS B 114 17.11 5.18 0.33
C LYS B 114 17.31 3.91 -0.50
N TYR B 115 16.19 3.24 -0.83
CA TYR B 115 16.28 1.96 -1.58
C TYR B 115 16.43 2.23 -3.08
N GLY B 116 17.63 2.60 -3.51
CA GLY B 116 17.91 2.85 -4.94
C GLY B 116 17.02 3.93 -5.52
N ASN B 117 16.46 3.69 -6.72
CA ASN B 117 15.60 4.69 -7.40
C ASN B 117 14.19 4.75 -6.77
N CYS B 118 13.92 3.88 -5.78
CA CYS B 118 12.60 3.84 -5.09
C CYS B 118 11.46 3.88 -6.11
N ASP B 119 11.65 3.24 -7.27
CA ASP B 119 10.66 3.31 -8.37
C ASP B 119 9.75 2.08 -8.39
N ILE B 120 8.51 2.27 -7.92
CA ILE B 120 7.48 1.18 -7.88
C ILE B 120 6.42 1.46 -8.95
N SER B 121 6.74 2.29 -9.96
CA SER B 121 5.76 2.70 -11.02
C SER B 121 5.20 1.49 -11.80
N GLU B 122 6.02 0.44 -12.01
N GLU B 122 6.02 0.45 -12.01
CA GLU B 122 5.52 -0.77 -12.71
CA GLU B 122 5.54 -0.77 -12.73
C GLU B 122 5.17 -1.80 -11.64
C GLU B 122 5.17 -1.80 -11.65
N TRP B 123 4.12 -1.50 -10.87
CA TRP B 123 3.70 -2.34 -9.72
C TRP B 123 3.59 -3.83 -10.06
N GLU B 124 2.88 -4.19 -11.13
CA GLU B 124 2.66 -5.62 -11.52
C GLU B 124 3.90 -6.22 -12.19
N GLY B 125 4.88 -5.38 -12.51
CA GLY B 125 6.14 -5.87 -13.11
C GLY B 125 6.10 -5.93 -14.63
N ASP B 126 7.03 -6.71 -15.19
CA ASP B 126 7.21 -6.83 -16.66
C ASP B 126 6.29 -7.93 -17.20
N LEU B 127 5.01 -7.62 -17.38
CA LEU B 127 4.02 -8.64 -17.85
C LEU B 127 4.33 -9.12 -19.27
N LYS B 128 5.22 -8.46 -20.01
CA LYS B 128 5.54 -8.91 -21.40
C LYS B 128 6.40 -10.19 -21.36
N ASN B 129 6.92 -10.58 -20.20
CA ASN B 129 7.80 -11.78 -20.13
C ASN B 129 6.96 -13.08 -20.11
N GLY B 130 5.63 -12.97 -20.15
CA GLY B 130 4.73 -14.14 -20.18
C GLY B 130 4.63 -14.89 -18.84
N LYS B 131 5.22 -14.35 -17.76
CA LYS B 131 5.16 -15.04 -16.44
C LYS B 131 3.89 -14.63 -15.65
N GLY B 132 3.02 -13.82 -16.26
CA GLY B 132 1.75 -13.39 -15.64
C GLY B 132 1.90 -12.82 -14.25
N HIS B 133 1.24 -13.44 -13.26
CA HIS B 133 1.23 -12.96 -11.85
C HIS B 133 2.56 -13.24 -11.12
N LEU B 134 3.47 -14.04 -11.69
CA LEU B 134 4.79 -14.25 -11.04
C LEU B 134 5.67 -13.09 -11.53
N ASN B 135 5.33 -11.89 -11.09
CA ASN B 135 5.99 -10.64 -11.55
C ASN B 135 5.72 -9.54 -10.54
N GLY B 136 6.51 -8.48 -10.62
CA GLY B 136 6.37 -7.32 -9.71
C GLY B 136 7.44 -6.29 -9.98
N PHE B 137 7.27 -5.11 -9.41
CA PHE B 137 8.21 -3.99 -9.62
C PHE B 137 9.65 -4.37 -9.26
N TRP B 138 9.82 -5.35 -8.36
CA TRP B 138 11.15 -5.74 -7.86
C TRP B 138 11.78 -6.85 -8.71
N LEU B 139 11.07 -7.35 -9.74
CA LEU B 139 11.59 -8.48 -10.57
C LEU B 139 11.88 -8.00 -12.00
N GLU B 140 13.14 -7.58 -12.25
CA GLU B 140 13.58 -7.09 -13.59
C GLU B 140 12.54 -6.09 -14.10
N SER B 141 12.20 -5.13 -13.25
CA SER B 141 11.17 -4.13 -13.60
C SER B 141 11.63 -2.72 -13.19
N SER B 142 10.74 -1.89 -12.67
CA SER B 142 11.12 -0.46 -12.44
C SER B 142 12.09 -0.25 -11.28
N LEU B 143 12.02 -1.05 -10.22
CA LEU B 143 12.87 -0.83 -9.01
C LEU B 143 14.32 -1.25 -9.30
N GLN B 144 15.27 -0.37 -8.98
CA GLN B 144 16.72 -0.67 -9.20
C GLN B 144 17.53 -0.12 -8.02
N ILE B 145 18.57 -0.86 -7.63
CA ILE B 145 19.41 -0.47 -6.45
C ILE B 145 20.82 -1.01 -6.71
N SER B 146 21.84 -0.26 -6.27
CA SER B 146 23.24 -0.70 -6.46
C SER B 146 23.66 -1.59 -5.30
N PRO B 147 24.68 -2.46 -5.49
CA PRO B 147 25.20 -3.24 -4.38
C PRO B 147 25.60 -2.35 -3.20
N LYS B 148 26.21 -1.19 -3.49
CA LYS B 148 26.60 -0.24 -2.41
C LYS B 148 25.36 0.16 -1.61
N GLU B 149 24.28 0.53 -2.32
CA GLU B 149 23.01 0.96 -1.67
C GLU B 149 22.40 -0.20 -0.88
N GLN B 150 22.48 -1.44 -1.41
CA GLN B 150 21.96 -2.64 -0.68
C GLN B 150 22.68 -2.72 0.68
N VAL B 151 24.00 -2.60 0.68
CA VAL B 151 24.79 -2.71 1.95
C VAL B 151 24.43 -1.55 2.87
N GLN B 152 24.26 -0.35 2.31
CA GLN B 152 23.93 0.83 3.16
C GLN B 152 22.56 0.61 3.80
N THR B 153 21.61 0.08 3.02
CA THR B 153 20.23 -0.16 3.52
C THR B 153 20.27 -1.26 4.59
N MET B 154 21.03 -2.32 4.34
CA MET B 154 21.12 -3.44 5.31
C MET B 154 21.74 -2.94 6.62
N ALA B 155 22.80 -2.13 6.53
CA ALA B 155 23.47 -1.63 7.75
C ALA B 155 22.47 -0.80 8.56
N LYS B 156 21.71 0.08 7.91
CA LYS B 156 20.71 0.94 8.62
C LYS B 156 19.67 0.04 9.31
N ILE B 157 19.15 -0.95 8.60
CA ILE B 157 18.11 -1.85 9.18
C ILE B 157 18.65 -2.62 10.39
N PHE B 158 19.69 -3.43 10.18
CA PHE B 158 20.17 -4.35 11.23
C PHE B 158 20.96 -3.64 12.33
N GLU B 159 21.38 -2.39 12.13
CA GLU B 159 22.06 -1.67 13.24
C GLU B 159 21.02 -0.88 14.05
N GLY B 160 19.73 -0.98 13.67
CA GLY B 160 18.61 -0.36 14.41
C GLY B 160 18.44 1.14 14.13
N ASP B 161 18.82 1.62 12.94
CA ASP B 161 18.72 3.07 12.63
C ASP B 161 17.47 3.38 11.79
N THR B 162 16.60 2.40 11.57
CA THR B 162 15.34 2.66 10.82
C THR B 162 14.19 2.66 11.83
N ASN B 163 12.97 2.91 11.35
CA ASN B 163 11.76 2.93 12.19
C ASN B 163 11.13 1.53 12.28
N PHE B 164 11.68 0.52 11.58
CA PHE B 164 11.12 -0.84 11.73
C PHE B 164 11.28 -1.29 13.18
N LYS B 165 10.35 -2.11 13.65
CA LYS B 165 10.36 -2.63 15.05
C LYS B 165 11.47 -3.68 15.20
N LYS B 166 12.15 -3.64 16.35
CA LYS B 166 13.24 -4.60 16.71
C LYS B 166 12.72 -6.04 16.57
N GLU B 167 11.49 -6.30 17.04
CA GLU B 167 10.89 -7.66 16.97
C GLU B 167 10.80 -8.12 15.51
N HIS B 168 10.47 -7.23 14.58
CA HIS B 168 10.34 -7.59 13.15
C HIS B 168 11.72 -7.83 12.53
N ILE B 169 12.69 -6.98 12.85
CA ILE B 169 14.09 -7.17 12.37
C ILE B 169 14.62 -8.54 12.86
N ASN B 170 14.28 -8.93 14.09
CA ASN B 170 14.74 -10.23 14.66
C ASN B 170 14.09 -11.39 13.87
N ILE B 171 12.84 -11.24 13.44
CA ILE B 171 12.18 -12.31 12.62
C ILE B 171 12.97 -12.46 11.33
N LEU B 172 13.34 -11.33 10.71
CA LEU B 172 14.08 -11.35 9.44
C LEU B 172 15.47 -11.98 9.63
N ARG B 173 16.17 -11.59 10.69
CA ARG B 173 17.52 -12.13 11.00
C ARG B 173 17.43 -13.66 11.08
N ASP B 174 16.42 -14.19 11.79
CA ASP B 174 16.24 -15.65 11.95
C ASP B 174 16.02 -16.35 10.59
N ILE B 175 15.15 -15.82 9.73
CA ILE B 175 14.84 -16.50 8.42
C ILE B 175 16.00 -16.31 7.43
N MET B 176 16.87 -15.32 7.67
CA MET B 176 18.05 -15.07 6.78
C MET B 176 19.25 -15.94 7.21
N LYS B 177 19.21 -16.55 8.39
CA LYS B 177 20.40 -17.30 8.88
C LYS B 177 20.72 -18.44 7.90
N ILE B 178 22.00 -18.63 7.56
CA ILE B 178 22.37 -19.77 6.69
C ILE B 178 23.42 -20.62 7.43
N ASP B 179 23.50 -21.90 7.10
CA ASP B 179 24.52 -22.81 7.71
C ASP B 179 25.65 -22.93 6.67
N VAL B 180 26.90 -22.72 7.08
CA VAL B 180 28.06 -22.80 6.14
C VAL B 180 29.08 -23.85 6.61
N ASN B 181 28.62 -24.83 7.40
CA ASN B 181 29.48 -25.92 7.95
C ASN B 181 30.59 -25.29 8.80
N ASP B 182 30.22 -24.35 9.67
CA ASP B 182 31.19 -23.65 10.57
C ASP B 182 30.40 -22.92 11.67
N LYS B 183 30.64 -23.29 12.94
CA LYS B 183 29.94 -22.68 14.09
C LYS B 183 30.84 -21.62 14.73
N ASN B 184 31.77 -21.05 13.94
CA ASN B 184 32.70 -20.00 14.45
C ASN B 184 32.26 -18.63 13.92
N ILE B 185 31.26 -18.61 13.03
CA ILE B 185 30.76 -17.33 12.44
C ILE B 185 29.28 -17.50 12.08
N ASN B 186 28.50 -16.41 12.16
CA ASN B 186 27.06 -16.43 11.83
C ASN B 186 26.92 -15.68 10.50
N VAL B 187 26.38 -16.33 9.47
CA VAL B 187 26.16 -15.71 8.14
C VAL B 187 24.64 -15.62 7.90
N TYR B 188 24.21 -14.49 7.36
CA TYR B 188 22.79 -14.20 7.06
C TYR B 188 22.72 -13.66 5.65
N GLY B 189 21.65 -13.99 4.90
CA GLY B 189 21.59 -13.42 3.55
C GLY B 189 20.37 -13.85 2.78
N LYS B 190 20.24 -13.29 1.57
CA LYS B 190 19.14 -13.61 0.65
C LYS B 190 19.71 -13.64 -0.77
N THR B 191 19.39 -14.69 -1.50
CA THR B 191 19.78 -14.82 -2.92
C THR B 191 18.80 -14.01 -3.78
N GLY B 192 19.25 -13.66 -4.99
CA GLY B 192 18.45 -12.98 -5.99
C GLY B 192 18.83 -13.52 -7.36
N THR B 193 17.82 -13.89 -8.17
CA THR B 193 18.08 -14.47 -9.51
C THR B 193 17.20 -13.77 -10.54
N GLY B 194 17.80 -12.98 -11.41
CA GLY B 194 17.04 -12.30 -12.48
C GLY B 194 17.84 -12.29 -13.76
N PHE B 195 17.17 -12.17 -14.90
CA PHE B 195 17.90 -12.07 -16.19
C PHE B 195 17.32 -10.90 -16.98
N ASP B 196 18.20 -9.96 -17.33
CA ASP B 196 17.78 -8.77 -18.12
C ASP B 196 17.84 -9.17 -19.60
N GLU B 197 16.69 -9.48 -20.21
CA GLU B 197 16.60 -9.91 -21.63
C GLU B 197 17.20 -8.84 -22.55
N LYS B 198 17.02 -7.58 -22.20
CA LYS B 198 17.48 -6.42 -23.01
C LYS B 198 19.02 -6.41 -23.09
N ASN B 199 19.71 -6.42 -21.94
CA ASN B 199 21.20 -6.40 -21.91
C ASN B 199 21.78 -7.80 -22.08
N LYS B 200 20.93 -8.84 -22.07
CA LYS B 200 21.42 -10.24 -22.18
C LYS B 200 22.42 -10.50 -21.04
N ARG B 201 22.11 -10.05 -19.82
CA ARG B 201 23.02 -10.26 -18.66
C ARG B 201 22.19 -10.58 -17.42
N VAL B 202 22.75 -11.41 -16.53
CA VAL B 202 22.04 -11.82 -15.30
C VAL B 202 22.13 -10.70 -14.26
N ASP B 203 21.21 -10.76 -13.30
CA ASP B 203 21.22 -9.93 -12.06
C ASP B 203 21.16 -10.97 -10.94
N ALA B 204 22.31 -11.57 -10.66
CA ALA B 204 22.47 -12.63 -9.65
C ALA B 204 23.08 -11.99 -8.40
N TRP B 205 22.40 -12.17 -7.27
CA TRP B 205 22.79 -11.50 -6.02
C TRP B 205 22.91 -12.46 -4.84
N PHE B 206 23.71 -12.02 -3.86
CA PHE B 206 23.71 -12.58 -2.49
C PHE B 206 24.03 -11.38 -1.61
N VAL B 207 23.04 -10.97 -0.82
CA VAL B 207 23.12 -9.76 0.05
C VAL B 207 22.91 -10.21 1.50
N GLY B 208 23.71 -9.70 2.42
CA GLY B 208 23.49 -10.13 3.81
C GLY B 208 24.50 -9.59 4.76
N MET B 209 24.79 -10.35 5.82
CA MET B 209 25.79 -9.89 6.81
C MET B 209 26.50 -11.07 7.47
N LEU B 210 27.73 -10.80 7.92
CA LEU B 210 28.62 -11.75 8.62
C LEU B 210 28.87 -11.21 10.03
N GLU B 211 28.66 -12.05 11.05
CA GLU B 211 28.94 -11.65 12.45
C GLU B 211 30.12 -12.48 12.95
N ARG B 212 31.24 -11.79 13.21
CA ARG B 212 32.51 -12.32 13.74
C ARG B 212 32.68 -11.76 15.15
N GLU B 213 32.16 -12.48 16.14
CA GLU B 213 32.17 -12.03 17.56
C GLU B 213 31.55 -10.63 17.61
N GLY B 214 32.34 -9.60 17.95
CA GLY B 214 31.82 -8.22 18.05
C GLY B 214 31.59 -7.56 16.70
N ASP B 215 32.51 -7.75 15.74
CA ASP B 215 32.40 -7.07 14.42
C ASP B 215 31.25 -7.60 13.57
N THR B 216 30.68 -6.72 12.75
CA THR B 216 29.63 -7.10 11.79
C THR B 216 30.03 -6.56 10.43
N TYR B 217 30.00 -7.42 9.41
CA TYR B 217 30.26 -6.97 8.01
C TYR B 217 28.97 -7.10 7.21
N TYR B 218 28.55 -6.00 6.59
CA TYR B 218 27.38 -6.02 5.67
C TYR B 218 27.96 -6.19 4.27
N PHE B 219 27.37 -7.05 3.45
CA PHE B 219 27.97 -7.32 2.13
C PHE B 219 26.92 -7.50 1.05
N ALA B 220 27.38 -7.31 -0.18
CA ALA B 220 26.57 -7.53 -1.40
C ALA B 220 27.51 -8.11 -2.44
N ILE B 221 27.16 -9.28 -2.97
CA ILE B 221 27.92 -9.93 -4.08
C ILE B 221 26.97 -9.86 -5.27
N LYS B 222 27.48 -9.39 -6.41
CA LYS B 222 26.62 -9.20 -7.60
C LYS B 222 27.34 -9.70 -8.85
N SER B 223 26.61 -10.44 -9.68
CA SER B 223 27.15 -10.89 -10.98
C SER B 223 26.29 -10.25 -12.08
N ASP B 224 26.96 -9.83 -13.17
CA ASP B 224 26.27 -9.26 -14.37
C ASP B 224 26.69 -10.10 -15.59
N ASP B 225 27.07 -11.36 -15.34
CA ASP B 225 27.60 -12.26 -16.38
C ASP B 225 26.58 -12.53 -17.49
N SER B 226 27.06 -12.82 -18.70
N SER B 226 27.05 -12.81 -18.70
CA SER B 226 26.21 -13.12 -19.88
CA SER B 226 26.18 -13.11 -19.86
C SER B 226 25.60 -14.52 -19.72
C SER B 226 25.60 -14.52 -19.74
N ASN B 227 26.29 -15.39 -18.99
CA ASN B 227 25.87 -16.81 -18.77
C ASN B 227 24.62 -16.86 -17.88
N LYS B 228 23.49 -17.28 -18.44
CA LYS B 228 22.20 -17.37 -17.69
C LYS B 228 22.28 -18.42 -16.57
N GLU B 229 23.31 -19.27 -16.59
CA GLU B 229 23.48 -20.31 -15.53
C GLU B 229 23.90 -19.65 -14.22
N ILE B 230 24.43 -18.42 -14.28
CA ILE B 230 24.87 -17.70 -13.05
C ILE B 230 23.63 -17.17 -12.33
N THR B 231 23.23 -17.86 -11.26
CA THR B 231 22.01 -17.52 -10.48
C THR B 231 22.39 -17.05 -9.07
N GLY B 232 21.40 -16.61 -8.30
CA GLY B 232 21.61 -16.21 -6.90
C GLY B 232 22.40 -17.27 -6.14
N PRO B 233 21.96 -18.55 -6.14
CA PRO B 233 22.71 -19.62 -5.46
C PRO B 233 24.19 -19.70 -5.86
N LYS B 234 24.53 -19.48 -7.14
CA LYS B 234 25.96 -19.56 -7.57
C LYS B 234 26.73 -18.37 -6.96
N VAL B 235 26.11 -17.20 -6.93
CA VAL B 235 26.75 -15.98 -6.37
C VAL B 235 26.88 -16.16 -4.84
N LYS B 236 25.95 -16.89 -4.22
CA LYS B 236 26.03 -17.22 -2.77
C LYS B 236 27.29 -18.06 -2.53
N GLU B 237 27.59 -19.02 -3.41
CA GLU B 237 28.84 -19.83 -3.29
C GLU B 237 30.06 -18.89 -3.29
N ILE B 238 30.09 -17.93 -4.21
CA ILE B 238 31.22 -16.95 -4.31
C ILE B 238 31.32 -16.19 -2.99
N ALA B 239 30.18 -15.74 -2.44
CA ALA B 239 30.16 -15.02 -1.15
C ALA B 239 30.75 -15.89 -0.05
N ILE B 240 30.37 -17.16 0.00
CA ILE B 240 30.89 -18.08 1.06
C ILE B 240 32.39 -18.29 0.83
N ASN B 241 32.82 -18.41 -0.43
CA ASN B 241 34.26 -18.54 -0.75
C ASN B 241 35.02 -17.34 -0.17
N ILE B 242 34.52 -16.12 -0.43
CA ILE B 242 35.18 -14.86 0.09
C ILE B 242 35.24 -14.90 1.62
N ILE B 243 34.11 -15.21 2.27
CA ILE B 243 34.05 -15.23 3.76
C ILE B 243 35.06 -16.26 4.31
N LYS B 244 35.12 -17.44 3.70
CA LYS B 244 36.05 -18.49 4.21
C LYS B 244 37.50 -18.12 3.92
N LYS B 245 37.75 -17.30 2.90
CA LYS B 245 39.15 -16.98 2.49
C LYS B 245 39.64 -15.67 3.12
N TYR B 246 38.74 -14.78 3.56
CA TYR B 246 39.21 -13.47 4.10
C TYR B 246 38.60 -13.12 5.46
N TYR B 247 37.52 -13.79 5.89
CA TYR B 247 36.90 -13.39 7.19
C TYR B 247 36.63 -14.61 8.09
N SER B 248 37.48 -15.64 8.04
CA SER B 248 37.27 -16.85 8.88
C SER B 248 38.62 -17.38 9.40
N VAL B 249 38.62 -18.61 9.94
CA VAL B 249 39.86 -19.24 10.49
C VAL B 249 39.97 -20.67 9.95
N VAL C 2 -36.73 -41.69 22.23
CA VAL C 2 -35.54 -42.59 22.29
C VAL C 2 -34.92 -42.49 23.69
N ASP C 3 -34.14 -43.50 24.09
CA ASP C 3 -33.51 -43.55 25.44
C ASP C 3 -32.04 -43.94 25.31
N TYR C 4 -31.12 -43.00 25.57
CA TYR C 4 -29.66 -43.27 25.50
C TYR C 4 -29.05 -43.24 26.91
N SER C 5 -29.87 -43.54 27.92
CA SER C 5 -29.42 -43.50 29.33
C SER C 5 -28.27 -44.49 29.58
N ASP C 6 -28.20 -45.57 28.80
CA ASP C 6 -27.14 -46.61 28.95
C ASP C 6 -25.75 -46.03 28.63
N CYS C 7 -25.67 -45.08 27.70
CA CYS C 7 -24.36 -44.50 27.29
C CYS C 7 -23.94 -43.35 28.23
N PHE C 8 -24.87 -42.79 29.00
CA PHE C 8 -24.55 -41.67 29.94
C PHE C 8 -23.97 -42.23 31.26
N GLU C 9 -24.23 -43.50 31.55
CA GLU C 9 -23.68 -44.14 32.78
C GLU C 9 -24.00 -43.30 34.02
N GLY C 10 -25.27 -42.93 34.21
CA GLY C 10 -25.69 -42.18 35.41
C GLY C 10 -25.46 -40.68 35.33
N ILE C 11 -24.63 -40.20 34.41
CA ILE C 11 -24.38 -38.73 34.30
C ILE C 11 -25.65 -38.04 33.78
N SER C 12 -26.06 -36.96 34.44
CA SER C 12 -27.27 -36.20 34.03
C SER C 12 -27.01 -35.51 32.68
N GLY C 13 -27.92 -35.68 31.73
CA GLY C 13 -27.73 -35.05 30.42
C GLY C 13 -28.82 -35.42 29.43
N GLY C 14 -28.64 -35.02 28.18
CA GLY C 14 -29.60 -35.30 27.09
C GLY C 14 -28.88 -35.32 25.76
N ALA C 15 -29.57 -35.72 24.70
CA ALA C 15 -28.95 -35.80 23.38
C ALA C 15 -30.01 -35.61 22.29
N ILE C 16 -29.63 -34.99 21.18
CA ILE C 16 -30.55 -34.77 20.03
C ILE C 16 -29.76 -34.95 18.74
N PHE C 17 -30.28 -35.82 17.87
CA PHE C 17 -29.74 -36.13 16.53
C PHE C 17 -30.83 -35.71 15.53
N TYR C 18 -30.43 -34.96 14.50
CA TYR C 18 -31.39 -34.43 13.50
C TYR C 18 -30.96 -34.86 12.10
N ASN C 19 -31.92 -35.42 11.35
CA ASN C 19 -31.71 -35.86 9.95
C ASN C 19 -32.49 -34.89 9.06
N THR C 20 -31.78 -34.04 8.30
CA THR C 20 -32.44 -33.04 7.43
C THR C 20 -33.23 -33.73 6.30
N LYS C 21 -32.83 -34.94 5.93
CA LYS C 21 -33.50 -35.69 4.82
C LYS C 21 -34.98 -35.92 5.15
N ASN C 22 -35.29 -36.57 6.29
CA ASN C 22 -36.69 -36.89 6.67
C ASN C 22 -37.22 -35.94 7.77
N LYS C 23 -36.46 -34.89 8.08
CA LYS C 23 -36.82 -33.87 9.11
C LYS C 23 -37.17 -34.54 10.45
N GLU C 24 -36.48 -35.63 10.79
N GLU C 24 -36.44 -35.60 10.80
CA GLU C 24 -36.81 -36.32 12.07
CA GLU C 24 -36.70 -36.39 12.03
C GLU C 24 -35.75 -36.01 13.13
C GLU C 24 -35.70 -36.00 13.15
N TYR C 25 -36.21 -35.87 14.38
CA TYR C 25 -35.37 -35.57 15.55
C TYR C 25 -35.40 -36.78 16.50
N ASN C 26 -34.23 -37.32 16.83
CA ASN C 26 -34.12 -38.41 17.84
C ASN C 26 -33.76 -37.68 19.13
N ILE C 27 -34.72 -37.57 20.06
CA ILE C 27 -34.49 -36.74 21.29
C ILE C 27 -34.44 -37.59 22.56
N TYR C 28 -33.41 -37.35 23.38
CA TYR C 28 -33.27 -37.97 24.72
C TYR C 28 -33.24 -36.83 25.74
N ASN C 29 -34.24 -36.80 26.64
CA ASN C 29 -34.38 -35.73 27.68
C ASN C 29 -34.82 -34.46 26.95
N LYS C 30 -36.08 -34.42 26.51
CA LYS C 30 -36.64 -33.29 25.73
C LYS C 30 -36.48 -31.95 26.48
N GLU C 31 -36.87 -31.90 27.75
CA GLU C 31 -36.77 -30.63 28.53
C GLU C 31 -35.34 -30.06 28.46
N LEU C 32 -34.33 -30.89 28.69
CA LEU C 32 -32.91 -30.40 28.70
C LEU C 32 -32.48 -29.96 27.30
N ILE C 33 -32.87 -30.66 26.22
CA ILE C 33 -32.36 -30.24 24.88
C ILE C 33 -33.11 -28.99 24.38
N GLU C 34 -34.20 -28.60 25.04
CA GLU C 34 -34.90 -27.34 24.62
C GLU C 34 -34.46 -26.19 25.54
N THR C 35 -33.55 -26.47 26.49
CA THR C 35 -33.10 -25.46 27.49
C THR C 35 -31.85 -24.72 27.01
N ARG C 36 -31.93 -23.39 26.95
CA ARG C 36 -30.76 -22.59 26.50
C ARG C 36 -29.69 -22.55 27.61
N ARG C 37 -28.43 -22.74 27.20
CA ARG C 37 -27.25 -22.68 28.12
C ARG C 37 -26.08 -22.05 27.39
N SER C 38 -25.08 -21.56 28.14
CA SER C 38 -23.86 -21.02 27.49
C SER C 38 -23.30 -22.09 26.57
N PRO C 39 -22.88 -21.74 25.34
CA PRO C 39 -22.29 -22.72 24.43
C PRO C 39 -20.84 -23.07 24.82
N ALA C 40 -20.23 -22.26 25.69
CA ALA C 40 -18.80 -22.46 26.05
C ALA C 40 -17.98 -22.57 24.77
N SER C 41 -16.98 -23.46 24.72
CA SER C 41 -16.08 -23.55 23.52
C SER C 41 -16.80 -24.08 22.26
N THR C 42 -18.04 -24.55 22.34
CA THR C 42 -18.71 -24.97 21.08
C THR C 42 -18.93 -23.73 20.21
N PHE C 43 -18.83 -22.54 20.79
CA PHE C 43 -18.99 -21.31 19.98
C PHE C 43 -17.86 -21.18 18.97
N KCX C 44 -16.75 -21.90 19.18
CA KCX C 44 -15.62 -21.84 18.26
CB KCX C 44 -14.41 -22.60 18.82
CG KCX C 44 -13.72 -21.93 20.00
CD KCX C 44 -12.49 -22.70 20.47
CE KCX C 44 -11.64 -21.92 21.44
NZ KCX C 44 -12.23 -21.86 22.77
C KCX C 44 -16.01 -22.32 16.88
O KCX C 44 -15.34 -21.98 15.89
CX KCX C 44 -13.05 -20.86 23.12
OQ1 KCX C 44 -13.63 -21.06 24.30
OQ2 KCX C 44 -13.28 -19.91 22.43
N ILE C 45 -17.09 -23.11 16.77
CA ILE C 45 -17.56 -23.52 15.46
C ILE C 45 -17.95 -22.25 14.67
N VAL C 46 -18.67 -21.35 15.34
CA VAL C 46 -19.16 -20.11 14.67
C VAL C 46 -18.02 -19.06 14.64
N SER C 47 -17.24 -18.92 15.70
CA SER C 47 -16.19 -17.86 15.69
C SER C 47 -15.17 -18.18 14.60
N THR C 48 -14.94 -19.47 14.30
CA THR C 48 -14.02 -19.83 13.20
C THR C 48 -14.56 -19.23 11.90
N LEU C 49 -15.84 -19.44 11.61
CA LEU C 49 -16.45 -18.92 10.35
C LEU C 49 -16.45 -17.39 10.35
N ILE C 50 -16.72 -16.76 11.50
CA ILE C 50 -16.70 -15.26 11.56
C ILE C 50 -15.29 -14.77 11.20
N GLY C 51 -14.27 -15.39 11.79
CA GLY C 51 -12.86 -15.03 11.52
C GLY C 51 -12.50 -15.19 10.06
N LEU C 52 -12.89 -16.30 9.45
CA LEU C 52 -12.60 -16.53 8.01
C LEU C 52 -13.34 -15.48 7.17
N GLU C 53 -14.62 -15.24 7.48
CA GLU C 53 -15.45 -14.28 6.71
C GLU C 53 -14.81 -12.88 6.75
N LYS C 54 -14.29 -12.47 7.90
CA LYS C 54 -13.73 -11.11 8.07
C LYS C 54 -12.24 -11.04 7.72
N GLY C 55 -11.62 -12.14 7.27
CA GLY C 55 -10.20 -12.12 6.87
C GLY C 55 -9.24 -12.07 8.06
N VAL C 56 -9.70 -12.35 9.27
CA VAL C 56 -8.78 -12.36 10.45
C VAL C 56 -7.89 -13.61 10.36
N ILE C 57 -8.45 -14.66 9.75
CA ILE C 57 -7.75 -15.96 9.51
C ILE C 57 -8.09 -16.35 8.07
N ASN C 58 -7.38 -17.32 7.50
CA ASN C 58 -7.61 -17.64 6.07
C ASN C 58 -7.42 -19.13 5.78
N SER C 59 -6.94 -19.91 6.75
CA SER C 59 -6.62 -21.33 6.46
C SER C 59 -6.43 -22.10 7.77
N LYS C 60 -6.32 -23.43 7.69
CA LYS C 60 -6.12 -24.24 8.92
C LYS C 60 -4.74 -23.93 9.50
N GLU C 61 -3.82 -23.32 8.73
CA GLU C 61 -2.46 -23.01 9.22
C GLU C 61 -2.40 -21.61 9.83
N SER C 62 -3.47 -20.81 9.71
CA SER C 62 -3.45 -19.40 10.17
C SER C 62 -2.99 -19.27 11.63
N VAL C 63 -2.12 -18.30 11.90
CA VAL C 63 -1.63 -18.02 13.28
C VAL C 63 -2.07 -16.62 13.68
N MET C 64 -2.14 -16.36 14.98
CA MET C 64 -2.63 -15.05 15.50
C MET C 64 -1.51 -14.27 16.18
N GLY C 65 -0.32 -14.88 16.37
CA GLY C 65 0.78 -14.19 17.07
C GLY C 65 0.75 -14.51 18.56
N TYR C 66 1.84 -15.08 19.08
CA TYR C 66 1.92 -15.52 20.50
C TYR C 66 2.75 -14.52 21.32
N ASP C 67 2.23 -14.11 22.49
CA ASP C 67 2.91 -13.09 23.33
C ASP C 67 3.78 -13.73 24.44
N GLY C 68 3.96 -15.05 24.44
CA GLY C 68 4.81 -15.70 25.46
C GLY C 68 4.08 -16.04 26.76
N THR C 69 2.79 -15.68 26.89
CA THR C 69 2.05 -16.02 28.13
C THR C 69 2.00 -17.55 28.29
N GLU C 70 2.18 -18.04 29.51
CA GLU C 70 2.18 -19.52 29.77
C GLU C 70 0.81 -19.91 30.33
N TYR C 71 0.28 -21.05 29.86
CA TYR C 71 -1.08 -21.50 30.26
C TYR C 71 -1.04 -22.93 30.80
N PRO C 72 -2.09 -23.36 31.54
CA PRO C 72 -2.16 -24.72 32.07
C PRO C 72 -2.03 -25.74 30.94
N ASN C 73 -2.78 -25.52 29.85
CA ASN C 73 -2.65 -26.41 28.65
C ASN C 73 -1.39 -25.92 27.93
N LYS C 74 -0.32 -26.72 27.97
CA LYS C 74 0.98 -26.28 27.39
C LYS C 74 0.93 -26.28 25.86
N ASN C 75 -0.12 -26.85 25.25
CA ASN C 75 -0.25 -26.81 23.76
C ASN C 75 -0.69 -25.40 23.33
N TRP C 76 -1.01 -24.55 24.30
CA TRP C 76 -1.42 -23.13 24.08
C TRP C 76 -0.17 -22.22 24.07
N ASN C 77 0.95 -22.73 24.62
CA ASN C 77 2.18 -21.92 24.82
C ASN C 77 3.04 -21.83 23.54
N LYS C 78 2.44 -21.43 22.43
CA LYS C 78 3.21 -21.28 21.17
C LYS C 78 2.32 -20.58 20.13
N ASN C 79 2.91 -20.17 19.01
CA ASN C 79 2.14 -19.51 17.93
C ASN C 79 1.40 -20.64 17.19
N LEU C 80 0.33 -21.17 17.81
CA LEU C 80 -0.34 -22.37 17.22
C LEU C 80 -1.25 -22.00 16.06
N SER C 81 -1.53 -23.00 15.23
CA SER C 81 -2.37 -22.86 14.01
C SER C 81 -3.85 -22.86 14.37
N LEU C 82 -4.68 -22.44 13.41
CA LEU C 82 -6.15 -22.50 13.59
C LEU C 82 -6.57 -23.93 13.96
N GLU C 83 -6.05 -24.92 13.23
CA GLU C 83 -6.44 -26.34 13.48
C GLU C 83 -6.10 -26.73 14.91
N GLU C 84 -4.90 -26.36 15.38
CA GLU C 84 -4.45 -26.69 16.76
C GLU C 84 -5.28 -25.91 17.79
N ALA C 85 -5.57 -24.63 17.50
CA ALA C 85 -6.33 -23.79 18.46
C ALA C 85 -7.73 -24.37 18.65
N PHE C 86 -8.33 -24.85 17.56
CA PHE C 86 -9.69 -25.42 17.59
C PHE C 86 -9.68 -26.73 18.40
N LYS C 87 -8.73 -27.61 18.07
CA LYS C 87 -8.61 -28.96 18.72
C LYS C 87 -8.22 -28.82 20.19
N GLU C 88 -7.47 -27.77 20.55
CA GLU C 88 -7.05 -27.57 21.96
C GLU C 88 -7.96 -26.56 22.66
N SER C 89 -9.02 -26.09 21.99
N SER C 89 -8.98 -26.07 21.95
CA SER C 89 -9.97 -25.08 22.55
CA SER C 89 -9.96 -25.11 22.52
C SER C 89 -9.21 -23.87 23.11
C SER C 89 -9.22 -23.88 23.09
N CYS C 90 -8.14 -23.45 22.38
CA CYS C 90 -7.28 -22.31 22.85
C CYS C 90 -8.08 -21.01 22.92
N VAL C 91 -8.35 -20.54 24.14
CA VAL C 91 -9.18 -19.31 24.36
C VAL C 91 -8.40 -18.05 23.98
N TRP C 92 -7.09 -18.00 24.19
CA TRP C 92 -6.35 -16.75 23.86
C TRP C 92 -6.39 -16.50 22.34
N TYR C 93 -6.28 -17.56 21.55
CA TYR C 93 -6.29 -17.44 20.06
C TYR C 93 -7.64 -16.89 19.60
N TYR C 94 -8.74 -17.47 20.12
CA TYR C 94 -10.11 -17.08 19.70
C TYR C 94 -10.52 -15.73 20.30
N LYS C 95 -9.94 -15.36 21.45
CA LYS C 95 -10.23 -14.02 22.04
C LYS C 95 -9.56 -12.97 21.15
N LYS C 96 -8.34 -13.26 20.70
CA LYS C 96 -7.61 -12.31 19.82
C LYS C 96 -8.34 -12.20 18.47
N LEU C 97 -8.89 -13.32 18.01
CA LEU C 97 -9.64 -13.35 16.72
C LEU C 97 -10.92 -12.51 16.85
N ILE C 98 -11.72 -12.73 17.88
CA ILE C 98 -13.04 -12.04 18.00
C ILE C 98 -12.84 -10.54 18.27
N ASP C 99 -11.76 -10.16 18.95
CA ASP C 99 -11.49 -8.73 19.25
C ASP C 99 -11.16 -7.97 17.96
N LYS C 100 -10.85 -8.68 16.86
CA LYS C 100 -10.57 -8.01 15.57
C LYS C 100 -11.88 -7.88 14.76
N VAL C 101 -13.01 -8.28 15.34
CA VAL C 101 -14.32 -8.19 14.62
C VAL C 101 -15.24 -7.24 15.41
N ASP C 102 -15.97 -6.37 14.69
CA ASP C 102 -16.91 -5.40 15.32
C ASP C 102 -18.09 -6.15 15.94
N ALA C 103 -18.54 -5.72 17.13
CA ALA C 103 -19.72 -6.37 17.76
C ALA C 103 -20.93 -6.30 16.82
N LYS C 104 -21.05 -5.21 16.02
CA LYS C 104 -22.22 -5.07 15.11
C LYS C 104 -22.21 -6.21 14.07
N SER C 105 -21.03 -6.59 13.58
CA SER C 105 -20.91 -7.70 12.59
C SER C 105 -21.29 -9.02 13.26
N VAL C 106 -20.75 -9.29 14.44
CA VAL C 106 -21.09 -10.55 15.17
C VAL C 106 -22.61 -10.60 15.40
N GLN C 107 -23.19 -9.48 15.83
CA GLN C 107 -24.65 -9.42 16.10
C GLN C 107 -25.44 -9.82 14.85
N ASN C 108 -25.12 -9.21 13.71
CA ASN C 108 -25.83 -9.47 12.43
C ASN C 108 -25.65 -10.93 12.03
N ILE C 109 -24.44 -11.46 12.22
CA ILE C 109 -24.16 -12.89 11.86
C ILE C 109 -24.96 -13.82 12.77
N LEU C 110 -24.94 -13.63 14.10
CA LEU C 110 -25.68 -14.57 14.99
C LEU C 110 -27.20 -14.46 14.75
N ASP C 111 -27.71 -13.26 14.49
CA ASP C 111 -29.17 -13.08 14.22
C ASP C 111 -29.55 -13.83 12.94
N ASP C 112 -28.70 -13.76 11.91
CA ASP C 112 -28.97 -14.44 10.63
C ASP C 112 -28.89 -15.96 10.83
N LEU C 113 -28.06 -16.43 11.78
CA LEU C 113 -27.93 -17.89 12.09
C LEU C 113 -28.99 -18.29 13.12
N LYS C 114 -29.72 -17.32 13.69
CA LYS C 114 -30.68 -17.60 14.77
C LYS C 114 -29.94 -18.39 15.86
N TYR C 115 -28.76 -17.91 16.25
CA TYR C 115 -27.91 -18.57 17.28
C TYR C 115 -28.44 -18.30 18.69
N GLY C 116 -29.51 -19.01 19.07
CA GLY C 116 -30.08 -18.88 20.43
C GLY C 116 -30.55 -17.46 20.71
N ASN C 117 -30.25 -16.93 21.90
CA ASN C 117 -30.69 -15.56 22.28
C ASN C 117 -29.87 -14.50 21.54
N CYS C 118 -28.80 -14.87 20.83
CA CYS C 118 -27.97 -13.87 20.09
C CYS C 118 -27.58 -12.70 21.01
N ASP C 119 -27.43 -12.98 22.31
CA ASP C 119 -27.14 -11.91 23.30
C ASP C 119 -25.63 -11.82 23.56
N ILE C 120 -24.99 -10.83 22.94
CA ILE C 120 -23.53 -10.55 23.09
C ILE C 120 -23.34 -9.30 23.94
N SER C 121 -24.37 -8.94 24.73
CA SER C 121 -24.33 -7.72 25.57
C SER C 121 -23.09 -7.71 26.48
N GLU C 122 -22.76 -8.87 27.06
N GLU C 122 -22.76 -8.86 27.07
CA GLU C 122 -21.58 -8.96 27.97
CA GLU C 122 -21.57 -8.97 27.96
C GLU C 122 -20.38 -9.40 27.11
C GLU C 122 -20.38 -9.41 27.10
N TRP C 123 -20.01 -8.55 26.14
CA TRP C 123 -18.92 -8.84 25.17
C TRP C 123 -17.68 -9.45 25.84
N GLU C 124 -17.20 -8.84 26.92
CA GLU C 124 -15.95 -9.27 27.61
C GLU C 124 -16.21 -10.45 28.55
N GLY C 125 -17.47 -10.89 28.68
CA GLY C 125 -17.80 -12.06 29.51
C GLY C 125 -18.07 -11.71 30.96
N ASP C 126 -18.21 -12.76 31.79
CA ASP C 126 -18.50 -12.63 33.25
C ASP C 126 -17.18 -12.40 33.98
N LEU C 127 -16.72 -11.13 34.01
CA LEU C 127 -15.43 -10.76 34.67
C LEU C 127 -15.55 -10.86 36.19
N LYS C 128 -16.74 -11.17 36.71
CA LYS C 128 -16.97 -11.29 38.18
C LYS C 128 -16.53 -12.69 38.66
N ASN C 129 -16.28 -13.61 37.72
CA ASN C 129 -15.81 -14.97 38.10
C ASN C 129 -14.33 -14.88 38.53
N GLY C 130 -13.63 -13.80 38.13
CA GLY C 130 -12.22 -13.58 38.47
C GLY C 130 -11.27 -14.47 37.68
N LYS C 131 -11.49 -14.60 36.37
CA LYS C 131 -10.63 -15.43 35.49
C LYS C 131 -9.84 -14.55 34.50
N GLY C 132 -10.04 -13.23 34.54
CA GLY C 132 -9.27 -12.30 33.70
C GLY C 132 -9.66 -12.31 32.24
N HIS C 133 -8.65 -12.29 31.35
CA HIS C 133 -8.82 -12.21 29.87
C HIS C 133 -9.33 -13.53 29.28
N LEU C 134 -9.42 -14.61 30.08
CA LEU C 134 -9.95 -15.90 29.56
C LEU C 134 -11.47 -15.89 29.79
N ASN C 135 -12.14 -14.84 29.30
CA ASN C 135 -13.60 -14.65 29.46
C ASN C 135 -14.20 -14.07 28.17
N GLY C 136 -15.51 -14.21 28.00
CA GLY C 136 -16.19 -13.70 26.80
C GLY C 136 -17.68 -13.94 26.86
N PHE C 137 -18.44 -13.31 25.94
CA PHE C 137 -19.92 -13.47 25.91
C PHE C 137 -20.31 -14.95 25.75
N TRP C 138 -19.44 -15.77 25.14
CA TRP C 138 -19.78 -17.20 24.88
C TRP C 138 -19.35 -18.13 26.03
N LEU C 139 -18.71 -17.61 27.07
CA LEU C 139 -18.20 -18.44 28.18
C LEU C 139 -18.97 -18.13 29.47
N GLU C 140 -20.02 -18.92 29.74
CA GLU C 140 -20.89 -18.75 30.94
C GLU C 140 -21.20 -17.26 31.10
N SER C 141 -21.75 -16.66 30.04
CA SER C 141 -22.06 -15.21 30.05
C SER C 141 -23.42 -14.95 29.39
N SER C 142 -23.57 -13.84 28.67
CA SER C 142 -24.88 -13.44 28.11
C SER C 142 -25.40 -14.39 27.02
N LEU C 143 -24.52 -14.96 26.19
CA LEU C 143 -24.99 -15.78 25.04
C LEU C 143 -25.44 -17.16 25.53
N GLN C 144 -26.61 -17.59 25.05
CA GLN C 144 -27.18 -18.91 25.45
C GLN C 144 -27.89 -19.52 24.24
N ILE C 145 -27.81 -20.84 24.12
CA ILE C 145 -28.41 -21.58 22.98
C ILE C 145 -28.75 -22.99 23.47
N SER C 146 -29.85 -23.55 22.97
CA SER C 146 -30.29 -24.91 23.40
C SER C 146 -29.62 -25.94 22.50
N PRO C 147 -29.45 -27.19 22.99
CA PRO C 147 -28.91 -28.28 22.16
C PRO C 147 -29.68 -28.40 20.82
N LYS C 148 -31.00 -28.21 20.84
CA LYS C 148 -31.80 -28.28 19.58
C LYS C 148 -31.42 -27.12 18.66
N GLU C 149 -31.24 -25.92 19.21
CA GLU C 149 -30.86 -24.74 18.38
C GLU C 149 -29.47 -24.99 17.80
N GLN C 150 -28.58 -25.63 18.56
CA GLN C 150 -27.21 -25.97 18.08
C GLN C 150 -27.31 -26.85 16.82
N VAL C 151 -28.14 -27.89 16.90
CA VAL C 151 -28.31 -28.84 15.76
C VAL C 151 -28.93 -28.11 14.57
N GLN C 152 -29.88 -27.21 14.81
CA GLN C 152 -30.51 -26.43 13.71
C GLN C 152 -29.46 -25.54 13.06
N THR C 153 -28.59 -24.94 13.87
CA THR C 153 -27.52 -24.05 13.35
C THR C 153 -26.53 -24.88 12.53
N MET C 154 -26.11 -26.04 13.04
CA MET C 154 -25.15 -26.91 12.30
C MET C 154 -25.75 -27.30 10.94
N ALA C 155 -27.04 -27.69 10.93
CA ALA C 155 -27.71 -28.10 9.67
C ALA C 155 -27.71 -26.94 8.67
N LYS C 156 -27.98 -25.71 9.14
CA LYS C 156 -27.99 -24.52 8.24
C LYS C 156 -26.58 -24.29 7.68
N ILE C 157 -25.56 -24.37 8.54
CA ILE C 157 -24.15 -24.12 8.10
C ILE C 157 -23.72 -25.18 7.07
N PHE C 158 -23.79 -26.45 7.43
CA PHE C 158 -23.22 -27.51 6.57
C PHE C 158 -24.13 -27.90 5.40
N GLU C 159 -25.37 -27.43 5.32
CA GLU C 159 -26.21 -27.76 4.14
C GLU C 159 -26.19 -26.59 3.15
N GLY C 160 -25.43 -25.53 3.46
CA GLY C 160 -25.27 -24.37 2.55
C GLY C 160 -26.38 -23.33 2.67
N ASP C 161 -27.14 -23.32 3.77
CA ASP C 161 -28.27 -22.35 3.90
C ASP C 161 -27.82 -21.03 4.52
N THR C 162 -26.53 -20.81 4.76
CA THR C 162 -26.05 -19.54 5.38
C THR C 162 -25.32 -18.69 4.34
N ASN C 163 -24.86 -17.50 4.76
CA ASN C 163 -24.12 -16.54 3.90
C ASN C 163 -22.62 -16.87 3.92
N PHE C 164 -22.18 -17.80 4.77
CA PHE C 164 -20.73 -18.15 4.85
C PHE C 164 -20.28 -18.80 3.53
N LYS C 165 -19.02 -18.54 3.14
CA LYS C 165 -18.47 -19.09 1.88
C LYS C 165 -18.24 -20.61 2.03
N LYS C 166 -18.47 -21.35 0.95
CA LYS C 166 -18.28 -22.83 0.95
C LYS C 166 -16.85 -23.17 1.36
N GLU C 167 -15.87 -22.39 0.88
CA GLU C 167 -14.43 -22.62 1.18
C GLU C 167 -14.18 -22.53 2.69
N HIS C 168 -14.87 -21.61 3.37
CA HIS C 168 -14.69 -21.43 4.83
C HIS C 168 -15.35 -22.59 5.59
N ILE C 169 -16.54 -23.02 5.14
CA ILE C 169 -17.24 -24.17 5.76
C ILE C 169 -16.37 -25.43 5.59
N ASN C 170 -15.65 -25.55 4.48
CA ASN C 170 -14.78 -26.74 4.24
C ASN C 170 -13.61 -26.73 5.23
N ILE C 171 -13.04 -25.55 5.53
CA ILE C 171 -11.93 -25.47 6.52
C ILE C 171 -12.47 -25.94 7.88
N LEU C 172 -13.65 -25.46 8.24
CA LEU C 172 -14.27 -25.85 9.53
C LEU C 172 -14.49 -27.36 9.58
N ARG C 173 -15.05 -27.96 8.52
CA ARG C 173 -15.31 -29.42 8.49
C ARG C 173 -13.99 -30.18 8.75
N ASP C 174 -12.92 -29.77 8.06
CA ASP C 174 -11.57 -30.38 8.17
C ASP C 174 -11.08 -30.32 9.63
N ILE C 175 -11.14 -29.16 10.28
CA ILE C 175 -10.61 -29.06 11.68
C ILE C 175 -11.58 -29.72 12.69
N MET C 176 -12.82 -29.98 12.28
CA MET C 176 -13.82 -30.63 13.18
C MET C 176 -13.74 -32.16 13.11
N LYS C 177 -13.06 -32.72 12.09
CA LYS C 177 -13.07 -34.21 11.96
C LYS C 177 -12.36 -34.86 13.17
N ILE C 178 -12.92 -35.96 13.69
CA ILE C 178 -12.28 -36.69 14.82
C ILE C 178 -12.07 -38.15 14.39
N ASP C 179 -11.08 -38.81 14.98
CA ASP C 179 -10.81 -40.24 14.68
C ASP C 179 -11.44 -41.08 15.78
N VAL C 180 -12.38 -41.98 15.42
CA VAL C 180 -13.04 -42.84 16.44
C VAL C 180 -12.65 -44.31 16.23
N ASN C 181 -11.46 -44.55 15.67
CA ASN C 181 -10.90 -45.92 15.45
C ASN C 181 -11.89 -46.79 14.67
N ASP C 182 -12.59 -46.20 13.71
CA ASP C 182 -13.56 -46.94 12.85
C ASP C 182 -13.73 -46.17 11.55
N LYS C 183 -13.08 -46.64 10.48
CA LYS C 183 -13.11 -45.96 9.15
C LYS C 183 -14.52 -46.00 8.56
N ASN C 184 -15.47 -46.70 9.20
CA ASN C 184 -16.85 -46.79 8.68
C ASN C 184 -17.67 -45.55 9.07
N ILE C 185 -17.28 -44.86 10.15
CA ILE C 185 -18.06 -43.66 10.59
C ILE C 185 -17.18 -42.39 10.51
N ASN C 186 -17.74 -41.34 9.90
CA ASN C 186 -17.10 -40.01 9.80
C ASN C 186 -17.75 -39.12 10.86
N VAL C 187 -17.01 -38.80 11.92
CA VAL C 187 -17.57 -37.96 13.01
C VAL C 187 -16.83 -36.63 13.02
N TYR C 188 -17.58 -35.54 13.18
CA TYR C 188 -17.07 -34.15 13.22
C TYR C 188 -17.66 -33.49 14.46
N GLY C 189 -16.87 -32.71 15.21
CA GLY C 189 -17.50 -32.07 16.39
C GLY C 189 -16.58 -31.16 17.15
N LYS C 190 -17.15 -30.51 18.18
CA LYS C 190 -16.38 -29.60 19.05
C LYS C 190 -16.88 -29.80 20.48
N THR C 191 -15.94 -29.93 21.41
CA THR C 191 -16.23 -30.04 22.86
C THR C 191 -16.45 -28.64 23.45
N GLY C 192 -17.12 -28.59 24.60
CA GLY C 192 -17.36 -27.35 25.35
C GLY C 192 -17.42 -27.65 26.83
N THR C 193 -16.69 -26.88 27.65
CA THR C 193 -16.70 -27.12 29.12
C THR C 193 -16.89 -25.81 29.85
N GLY C 194 -18.00 -25.69 30.59
CA GLY C 194 -18.26 -24.50 31.41
C GLY C 194 -18.90 -24.92 32.72
N PHE C 195 -18.92 -24.00 33.68
CA PHE C 195 -19.60 -24.28 34.98
C PHE C 195 -20.57 -23.14 35.26
N ASP C 196 -21.85 -23.48 35.39
CA ASP C 196 -22.92 -22.50 35.73
C ASP C 196 -22.84 -22.30 37.24
N GLU C 197 -22.14 -21.25 37.67
CA GLU C 197 -21.89 -20.97 39.12
C GLU C 197 -23.22 -20.72 39.86
N LYS C 198 -24.21 -20.15 39.19
CA LYS C 198 -25.52 -19.87 39.83
C LYS C 198 -26.22 -21.18 40.19
N ASN C 199 -26.42 -22.07 39.20
CA ASN C 199 -27.13 -23.36 39.39
C ASN C 199 -26.19 -24.44 39.93
N LYS C 200 -24.88 -24.17 40.02
CA LYS C 200 -23.90 -25.17 40.53
C LYS C 200 -23.94 -26.42 39.64
N ARG C 201 -24.07 -26.23 38.32
CA ARG C 201 -24.12 -27.36 37.36
C ARG C 201 -23.15 -27.10 36.21
N VAL C 202 -22.57 -28.17 35.65
CA VAL C 202 -21.64 -27.98 34.50
C VAL C 202 -22.47 -27.74 33.24
N ASP C 203 -21.80 -27.17 32.24
CA ASP C 203 -22.32 -27.03 30.85
C ASP C 203 -21.26 -27.75 30.02
N ALA C 204 -21.42 -29.07 29.90
CA ALA C 204 -20.46 -29.95 29.16
C ALA C 204 -21.10 -30.34 27.83
N TRP C 205 -20.43 -30.03 26.73
CA TRP C 205 -21.00 -30.24 25.37
C TRP C 205 -20.11 -31.07 24.45
N PHE C 206 -20.77 -31.64 23.44
CA PHE C 206 -20.12 -32.21 22.23
C PHE C 206 -21.16 -32.03 21.13
N VAL C 207 -20.86 -31.11 20.21
CA VAL C 207 -21.79 -30.72 19.11
C VAL C 207 -21.10 -31.00 17.77
N GLY C 208 -21.86 -31.49 16.79
CA GLY C 208 -21.24 -31.77 15.48
C GLY C 208 -22.15 -32.54 14.55
N MET C 209 -21.56 -33.37 13.70
CA MET C 209 -22.35 -34.19 12.74
C MET C 209 -21.68 -35.53 12.49
N LEU C 210 -22.52 -36.49 12.10
CA LEU C 210 -22.14 -37.89 11.77
C LEU C 210 -22.55 -38.15 10.32
N GLU C 211 -21.66 -38.78 9.54
CA GLU C 211 -21.98 -39.16 8.15
C GLU C 211 -21.75 -40.67 8.03
N ARG C 212 -22.76 -41.40 7.56
CA ARG C 212 -22.64 -42.86 7.37
C ARG C 212 -23.58 -43.32 6.26
N GLU C 213 -23.00 -43.97 5.25
CA GLU C 213 -23.76 -44.53 4.09
C GLU C 213 -24.78 -43.52 3.54
N GLY C 214 -24.32 -42.33 3.14
CA GLY C 214 -25.22 -41.32 2.52
C GLY C 214 -26.05 -40.54 3.53
N ASP C 215 -26.27 -41.06 4.75
CA ASP C 215 -27.08 -40.35 5.76
C ASP C 215 -26.22 -39.38 6.57
N THR C 216 -26.80 -38.23 6.92
CA THR C 216 -26.12 -37.20 7.74
C THR C 216 -26.97 -36.90 8.98
N TYR C 217 -26.34 -36.91 10.16
CA TYR C 217 -27.04 -36.56 11.42
C TYR C 217 -26.31 -35.42 12.10
N TYR C 218 -27.03 -34.33 12.41
CA TYR C 218 -26.49 -33.18 13.16
C TYR C 218 -26.83 -33.45 14.63
N PHE C 219 -25.83 -33.40 15.51
CA PHE C 219 -26.12 -33.80 16.91
C PHE C 219 -25.58 -32.81 17.93
N ALA C 220 -26.16 -32.89 19.13
CA ALA C 220 -25.72 -32.10 20.29
C ALA C 220 -25.89 -32.97 21.53
N ILE C 221 -24.77 -33.26 22.20
CA ILE C 221 -24.80 -34.04 23.46
C ILE C 221 -24.50 -33.04 24.57
N LYS C 222 -25.33 -33.01 25.62
CA LYS C 222 -25.21 -31.98 26.68
C LYS C 222 -25.37 -32.60 28.07
N SER C 223 -24.49 -32.22 29.01
CA SER C 223 -24.60 -32.65 30.41
C SER C 223 -24.80 -31.40 31.29
N ASP C 224 -25.60 -31.54 32.35
CA ASP C 224 -25.87 -30.45 33.33
C ASP C 224 -25.61 -31.01 34.72
N ASP C 225 -24.73 -32.02 34.82
CA ASP C 225 -24.45 -32.73 36.09
C ASP C 225 -23.87 -31.76 37.14
N SER C 226 -24.03 -32.10 38.42
CA SER C 226 -23.50 -31.33 39.56
C SER C 226 -22.00 -31.60 39.73
N ASN C 227 -21.53 -32.76 39.26
CA ASN C 227 -20.10 -33.17 39.39
C ASN C 227 -19.22 -32.36 38.42
N LYS C 228 -18.35 -31.50 38.96
CA LYS C 228 -17.42 -30.65 38.17
C LYS C 228 -16.44 -31.47 37.33
N GLU C 229 -16.36 -32.79 37.56
CA GLU C 229 -15.43 -33.65 36.77
C GLU C 229 -16.02 -33.96 35.38
N ILE C 230 -17.33 -33.74 35.20
CA ILE C 230 -17.96 -34.01 33.86
C ILE C 230 -17.60 -32.85 32.92
N THR C 231 -16.73 -33.12 31.95
CA THR C 231 -16.23 -32.08 31.01
C THR C 231 -16.65 -32.38 29.57
N GLY C 232 -16.38 -31.45 28.65
CA GLY C 232 -16.69 -31.65 27.22
C GLY C 232 -16.11 -32.97 26.74
N PRO C 233 -14.80 -33.25 27.00
CA PRO C 233 -14.19 -34.52 26.63
C PRO C 233 -14.98 -35.73 27.16
N LYS C 234 -15.50 -35.65 28.39
CA LYS C 234 -16.28 -36.78 28.96
C LYS C 234 -17.56 -36.96 28.13
N VAL C 235 -18.24 -35.85 27.80
CA VAL C 235 -19.50 -35.92 27.00
C VAL C 235 -19.19 -36.36 25.57
N LYS C 236 -17.96 -36.10 25.09
CA LYS C 236 -17.53 -36.60 23.75
C LYS C 236 -17.44 -38.13 23.81
N GLU C 237 -16.89 -38.67 24.90
CA GLU C 237 -16.79 -40.16 25.08
C GLU C 237 -18.22 -40.72 25.01
N ILE C 238 -19.16 -40.06 25.70
CA ILE C 238 -20.61 -40.47 25.72
C ILE C 238 -21.18 -40.41 24.30
N ALA C 239 -20.95 -39.31 23.57
CA ALA C 239 -21.47 -39.14 22.20
C ALA C 239 -21.01 -40.28 21.27
N ILE C 240 -19.74 -40.68 21.39
CA ILE C 240 -19.14 -41.73 20.52
C ILE C 240 -19.81 -43.08 20.86
N ASN C 241 -20.07 -43.33 22.14
CA ASN C 241 -20.73 -44.59 22.56
C ASN C 241 -22.15 -44.63 21.96
N ILE C 242 -22.88 -43.50 22.00
CA ILE C 242 -24.25 -43.43 21.40
C ILE C 242 -24.16 -43.75 19.91
N ILE C 243 -23.21 -43.13 19.23
CA ILE C 243 -23.03 -43.30 17.75
C ILE C 243 -22.68 -44.75 17.42
N LYS C 244 -21.69 -45.33 18.11
CA LYS C 244 -21.25 -46.71 17.76
C LYS C 244 -22.33 -47.74 18.12
N LYS C 245 -23.37 -47.36 18.86
CA LYS C 245 -24.41 -48.35 19.24
C LYS C 245 -25.74 -48.06 18.54
N TYR C 246 -26.11 -46.78 18.38
CA TYR C 246 -27.45 -46.45 17.81
C TYR C 246 -27.36 -45.88 16.38
N TYR C 247 -26.16 -45.52 15.91
CA TYR C 247 -26.01 -44.91 14.56
C TYR C 247 -24.88 -45.62 13.79
N SER C 248 -24.68 -46.91 14.07
CA SER C 248 -23.61 -47.73 13.44
C SER C 248 -23.99 -48.05 11.98
N VAL C 249 -23.00 -48.47 11.18
CA VAL C 249 -23.22 -48.78 9.74
C VAL C 249 -23.90 -50.14 9.60
N ARG C 250 -24.65 -50.32 8.51
CA ARG C 250 -25.31 -51.61 8.19
C ARG C 250 -24.33 -52.45 7.35
N GLU C 251 -23.82 -51.85 6.27
CA GLU C 251 -22.84 -52.52 5.37
C GLU C 251 -21.43 -52.31 5.94
N GLY C 252 -20.69 -53.40 6.17
CA GLY C 252 -19.33 -53.29 6.74
C GLY C 252 -19.35 -53.29 8.25
N ALA C 253 -20.51 -53.61 8.87
CA ALA C 253 -20.63 -53.67 10.34
C ALA C 253 -19.65 -54.71 10.90
N ALA C 254 -19.23 -54.55 12.16
CA ALA C 254 -18.28 -55.48 12.81
C ALA C 254 -18.90 -56.88 12.99
N LEU C 255 -18.09 -57.92 12.83
CA LEU C 255 -18.53 -59.34 13.00
C LEU C 255 -18.18 -59.82 14.42
N VAL D 2 21.03 30.98 19.38
CA VAL D 2 22.44 30.61 19.01
C VAL D 2 23.12 31.84 18.37
N ASP D 3 24.45 31.92 18.46
CA ASP D 3 25.21 33.07 17.93
C ASP D 3 26.22 32.63 16.87
N TYR D 4 26.12 33.19 15.65
CA TYR D 4 27.07 32.90 14.54
C TYR D 4 27.72 34.22 14.08
N SER D 5 27.64 35.25 14.93
CA SER D 5 28.19 36.61 14.64
C SER D 5 29.67 36.53 14.26
N ASP D 6 30.40 35.55 14.82
CA ASP D 6 31.85 35.40 14.55
C ASP D 6 32.12 35.16 13.06
N CYS D 7 31.19 34.49 12.36
CA CYS D 7 31.37 34.17 10.91
C CYS D 7 30.95 35.36 10.02
N PHE D 8 29.98 36.17 10.47
CA PHE D 8 29.51 37.33 9.67
C PHE D 8 30.60 38.41 9.58
N GLU D 9 31.54 38.43 10.52
CA GLU D 9 32.67 39.40 10.53
C GLU D 9 32.15 40.85 10.49
N GLY D 10 31.21 41.18 11.38
CA GLY D 10 30.68 42.55 11.48
C GLY D 10 29.55 42.82 10.50
N ILE D 11 29.63 42.26 9.28
CA ILE D 11 28.58 42.47 8.24
C ILE D 11 27.21 42.18 8.89
N SER D 12 26.31 43.16 8.83
CA SER D 12 24.96 42.97 9.44
C SER D 12 24.20 41.89 8.66
N GLY D 13 23.36 41.13 9.37
CA GLY D 13 22.58 40.05 8.74
C GLY D 13 22.06 39.06 9.78
N GLY D 14 21.55 37.92 9.31
CA GLY D 14 21.04 36.86 10.18
C GLY D 14 21.13 35.51 9.51
N ALA D 15 20.76 34.44 10.22
CA ALA D 15 20.83 33.07 9.68
C ALA D 15 19.82 32.17 10.40
N ILE D 16 19.31 31.16 9.70
CA ILE D 16 18.36 30.17 10.28
C ILE D 16 18.65 28.80 9.68
N PHE D 17 18.93 27.82 10.55
CA PHE D 17 19.16 26.41 10.17
C PHE D 17 18.04 25.58 10.80
N TYR D 18 17.31 24.82 9.99
CA TYR D 18 16.19 23.98 10.48
C TYR D 18 16.53 22.51 10.27
N ASN D 19 16.41 21.71 11.33
CA ASN D 19 16.69 20.25 11.26
C ASN D 19 15.36 19.53 11.03
N THR D 20 15.35 18.58 10.09
CA THR D 20 14.12 17.84 9.70
C THR D 20 13.63 16.88 10.78
N LYS D 21 14.54 16.08 11.34
CA LYS D 21 14.15 14.99 12.28
C LYS D 21 13.89 15.52 13.70
N ASN D 22 14.83 16.27 14.32
CA ASN D 22 14.58 16.78 15.69
C ASN D 22 13.54 17.91 15.63
N LYS D 23 13.40 18.56 14.46
CA LYS D 23 12.42 19.65 14.19
C LYS D 23 12.79 20.92 14.97
N GLU D 24 14.09 21.16 15.17
CA GLU D 24 14.55 22.37 15.90
C GLU D 24 15.07 23.41 14.90
N TYR D 25 14.89 24.70 15.24
CA TYR D 25 15.39 25.84 14.43
C TYR D 25 16.57 26.49 15.14
N ASN D 26 17.70 26.64 14.45
CA ASN D 26 18.88 27.34 15.02
C ASN D 26 18.82 28.77 14.49
N ILE D 27 18.16 29.65 15.26
CA ILE D 27 17.89 31.06 14.82
C ILE D 27 18.95 32.03 15.36
N TYR D 28 19.49 32.84 14.45
CA TYR D 28 20.44 33.93 14.77
C TYR D 28 19.87 35.22 14.16
N ASN D 29 19.59 36.21 15.01
CA ASN D 29 18.97 37.50 14.61
C ASN D 29 17.53 37.20 14.22
N LYS D 30 16.74 36.71 15.19
CA LYS D 30 15.32 36.28 15.03
C LYS D 30 14.49 37.36 14.34
N GLU D 31 14.79 38.63 14.59
CA GLU D 31 14.04 39.76 13.99
C GLU D 31 14.26 39.81 12.47
N LEU D 32 15.52 39.69 12.03
CA LEU D 32 15.85 39.81 10.59
C LEU D 32 15.37 38.59 9.79
N ILE D 33 15.44 37.37 10.36
CA ILE D 33 15.02 36.15 9.60
C ILE D 33 13.48 36.07 9.55
N GLU D 34 12.78 36.99 10.24
CA GLU D 34 11.29 37.03 10.20
C GLU D 34 10.83 38.16 9.27
N THR D 35 11.78 38.96 8.76
CA THR D 35 11.44 40.11 7.89
C THR D 35 11.38 39.64 6.43
N ARG D 36 10.26 39.92 5.75
CA ARG D 36 10.08 39.55 4.32
C ARG D 36 10.88 40.52 3.44
N ARG D 37 11.58 39.98 2.43
CA ARG D 37 12.37 40.81 1.48
C ARG D 37 12.25 40.20 0.09
N SER D 38 12.68 40.94 -0.94
CA SER D 38 12.69 40.38 -2.32
C SER D 38 13.64 39.19 -2.30
N PRO D 39 13.20 37.99 -2.77
CA PRO D 39 14.07 36.82 -2.78
C PRO D 39 15.24 36.97 -3.77
N ALA D 40 15.15 37.96 -4.66
CA ALA D 40 16.20 38.13 -5.70
C ALA D 40 16.32 36.81 -6.48
N SER D 41 17.53 36.38 -6.83
CA SER D 41 17.73 35.15 -7.65
C SER D 41 17.47 33.86 -6.86
N THR D 42 17.26 33.93 -5.54
CA THR D 42 16.95 32.68 -4.79
C THR D 42 15.63 32.11 -5.30
N PHE D 43 14.80 32.96 -5.90
CA PHE D 43 13.49 32.49 -6.45
C PHE D 43 13.72 31.48 -7.57
N KCX D 44 14.93 31.47 -8.15
CA KCX D 44 15.22 30.55 -9.25
CB KCX D 44 16.62 30.79 -9.81
CG KCX D 44 16.76 32.03 -10.69
CD KCX D 44 18.12 32.14 -11.34
CE KCX D 44 18.19 33.26 -12.36
NZ KCX D 44 18.20 34.57 -11.74
C KCX D 44 15.07 29.10 -8.79
O KCX D 44 14.95 28.20 -9.63
CX KCX D 44 17.10 35.34 -11.72
OQ1 KCX D 44 16.06 35.05 -12.24
OQ2 KCX D 44 17.26 36.47 -11.04
N ILE D 45 15.11 28.87 -7.48
CA ILE D 45 14.90 27.53 -6.96
C ILE D 45 13.46 27.10 -7.31
N VAL D 46 12.50 28.00 -7.08
CA VAL D 46 11.06 27.69 -7.32
C VAL D 46 10.73 27.86 -8.81
N SER D 47 11.26 28.89 -9.48
CA SER D 47 10.92 29.07 -10.91
C SER D 47 11.41 27.86 -11.72
N THR D 48 12.54 27.24 -11.31
CA THR D 48 13.05 26.03 -12.00
C THR D 48 12.00 24.91 -11.89
N LEU D 49 11.46 24.70 -10.69
CA LEU D 49 10.44 23.63 -10.48
C LEU D 49 9.16 23.97 -11.26
N ILE D 50 8.78 25.25 -11.27
CA ILE D 50 7.57 25.68 -12.02
C ILE D 50 7.80 25.37 -13.51
N GLY D 51 8.97 25.76 -14.02
CA GLY D 51 9.31 25.52 -15.43
C GLY D 51 9.26 24.04 -15.78
N LEU D 52 9.80 23.19 -14.90
CA LEU D 52 9.82 21.73 -15.15
C LEU D 52 8.38 21.19 -15.07
N GLU D 53 7.66 21.58 -14.03
CA GLU D 53 6.25 21.15 -13.81
C GLU D 53 5.38 21.50 -15.03
N LYS D 54 5.58 22.67 -15.62
CA LYS D 54 4.72 23.15 -16.73
C LYS D 54 5.27 22.75 -18.11
N GLY D 55 6.43 22.08 -18.16
CA GLY D 55 7.01 21.57 -19.42
C GLY D 55 7.73 22.63 -20.24
N VAL D 56 8.02 23.79 -19.66
CA VAL D 56 8.77 24.87 -20.39
C VAL D 56 10.23 24.40 -20.54
N ILE D 57 10.70 23.62 -19.58
CA ILE D 57 12.07 23.01 -19.52
C ILE D 57 11.86 21.54 -19.12
N ASN D 58 12.87 20.69 -19.33
CA ASN D 58 12.67 19.24 -19.06
C ASN D 58 13.93 18.60 -18.47
N SER D 59 15.05 19.33 -18.42
CA SER D 59 16.32 18.69 -17.98
C SER D 59 17.37 19.75 -17.66
N LYS D 60 18.50 19.33 -17.09
CA LYS D 60 19.57 20.31 -16.78
C LYS D 60 20.16 20.84 -18.09
N GLU D 61 19.92 20.19 -19.23
CA GLU D 61 20.48 20.66 -20.54
C GLU D 61 19.48 21.59 -21.27
N SER D 62 18.27 21.78 -20.74
CA SER D 62 17.21 22.56 -21.43
C SER D 62 17.66 23.99 -21.76
N VAL D 63 17.37 24.43 -22.98
CA VAL D 63 17.70 25.79 -23.50
C VAL D 63 16.40 26.54 -23.78
N MET D 64 16.45 27.89 -23.69
CA MET D 64 15.25 28.73 -23.90
C MET D 64 15.30 29.51 -25.22
N GLY D 65 16.44 29.51 -25.91
CA GLY D 65 16.57 30.28 -27.17
C GLY D 65 17.17 31.65 -26.91
N TYR D 66 18.39 31.88 -27.41
CA TYR D 66 19.14 33.14 -27.22
C TYR D 66 18.87 34.07 -28.41
N ASP D 67 18.51 35.33 -28.13
CA ASP D 67 18.15 36.30 -29.21
C ASP D 67 19.37 37.12 -29.65
N GLY D 68 20.54 36.95 -29.00
CA GLY D 68 21.75 37.70 -29.41
C GLY D 68 21.99 38.94 -28.57
N THR D 69 21.16 39.21 -27.56
CA THR D 69 21.36 40.40 -26.67
C THR D 69 22.72 40.28 -25.97
N GLU D 70 23.49 41.37 -25.94
CA GLU D 70 24.84 41.40 -25.31
C GLU D 70 24.69 41.81 -23.85
N TYR D 71 25.08 40.93 -22.91
CA TYR D 71 25.00 41.24 -21.45
C TYR D 71 26.39 41.34 -20.85
N PRO D 72 26.55 42.01 -19.67
CA PRO D 72 27.86 42.12 -19.00
C PRO D 72 28.48 40.75 -18.68
N ASN D 73 27.66 39.80 -18.20
CA ASN D 73 28.12 38.42 -17.89
C ASN D 73 28.22 37.68 -19.23
N LYS D 74 29.43 37.38 -19.68
CA LYS D 74 29.67 36.73 -21.00
C LYS D 74 28.99 35.34 -21.06
N ASN D 75 28.79 34.71 -19.91
CA ASN D 75 28.17 33.35 -19.85
C ASN D 75 26.65 33.43 -20.14
N TRP D 76 26.11 34.64 -20.26
CA TRP D 76 24.68 34.88 -20.61
C TRP D 76 24.55 35.03 -22.13
N ASN D 77 25.67 35.30 -22.81
CA ASN D 77 25.71 35.62 -24.27
C ASN D 77 25.77 34.34 -25.12
N LYS D 78 24.83 33.43 -24.88
CA LYS D 78 24.75 32.16 -25.65
C LYS D 78 23.46 31.43 -25.28
N ASN D 79 23.16 30.35 -25.98
CA ASN D 79 21.94 29.54 -25.70
C ASN D 79 22.34 28.59 -24.56
N LEU D 80 22.53 29.15 -23.35
CA LEU D 80 23.03 28.36 -22.19
C LEU D 80 21.94 27.44 -21.64
N SER D 81 22.39 26.38 -20.97
CA SER D 81 21.52 25.32 -20.37
C SER D 81 20.91 25.79 -19.05
N LEU D 82 19.95 25.02 -18.54
CA LEU D 82 19.30 25.29 -17.23
C LEU D 82 20.38 25.32 -16.15
N GLU D 83 21.27 24.32 -16.18
CA GLU D 83 22.36 24.20 -15.18
C GLU D 83 23.18 25.49 -15.16
N GLU D 84 23.64 25.96 -16.33
CA GLU D 84 24.46 27.20 -16.45
C GLU D 84 23.61 28.43 -16.07
N ALA D 85 22.36 28.48 -16.52
CA ALA D 85 21.46 29.62 -16.22
C ALA D 85 21.30 29.74 -14.70
N PHE D 86 21.11 28.61 -14.01
CA PHE D 86 20.93 28.60 -12.54
C PHE D 86 22.20 29.08 -11.84
N LYS D 87 23.34 28.49 -12.19
CA LYS D 87 24.63 28.83 -11.53
C LYS D 87 25.11 30.24 -11.89
N GLU D 88 24.63 30.82 -13.00
CA GLU D 88 25.07 32.19 -13.41
C GLU D 88 23.97 33.21 -13.11
N SER D 89 22.87 32.79 -12.48
CA SER D 89 21.74 33.69 -12.17
C SER D 89 21.31 34.44 -13.44
N CYS D 90 21.19 33.72 -14.56
CA CYS D 90 20.84 34.34 -15.87
C CYS D 90 19.37 34.82 -15.85
N VAL D 91 19.17 36.13 -15.73
CA VAL D 91 17.81 36.73 -15.63
C VAL D 91 17.02 36.51 -16.92
N TRP D 92 17.63 36.68 -18.09
CA TRP D 92 16.84 36.60 -19.35
C TRP D 92 16.27 35.20 -19.52
N TYR D 93 17.06 34.17 -19.22
CA TYR D 93 16.61 32.77 -19.32
C TYR D 93 15.37 32.56 -18.45
N TYR D 94 15.44 32.98 -17.19
CA TYR D 94 14.31 32.75 -16.25
C TYR D 94 13.14 33.70 -16.56
N LYS D 95 13.39 34.84 -17.18
CA LYS D 95 12.23 35.71 -17.51
C LYS D 95 11.45 35.03 -18.65
N LYS D 96 12.16 34.60 -19.69
CA LYS D 96 11.51 33.95 -20.85
C LYS D 96 10.77 32.70 -20.37
N LEU D 97 11.34 32.01 -19.38
CA LEU D 97 10.78 30.76 -18.82
C LEU D 97 9.46 31.05 -18.10
N ILE D 98 9.46 31.96 -17.13
CA ILE D 98 8.22 32.23 -16.33
C ILE D 98 7.16 32.90 -17.20
N ASP D 99 7.56 33.72 -18.18
CA ASP D 99 6.56 34.38 -19.08
C ASP D 99 5.78 33.33 -19.88
N LYS D 100 6.34 32.12 -20.06
CA LYS D 100 5.64 31.04 -20.80
C LYS D 100 4.72 30.27 -19.84
N VAL D 101 4.53 30.78 -18.63
CA VAL D 101 3.62 30.14 -17.64
C VAL D 101 2.46 31.10 -17.38
N ASP D 102 1.23 30.56 -17.28
CA ASP D 102 0.03 31.39 -17.00
C ASP D 102 0.13 31.91 -15.57
N ALA D 103 -0.42 33.11 -15.33
CA ALA D 103 -0.36 33.77 -14.00
C ALA D 103 -0.98 32.90 -12.90
N LYS D 104 -2.18 32.35 -13.11
CA LYS D 104 -2.86 31.58 -12.03
C LYS D 104 -2.05 30.34 -11.63
N SER D 105 -1.36 29.68 -12.58
CA SER D 105 -0.53 28.49 -12.20
C SER D 105 0.59 28.93 -11.26
N VAL D 106 1.26 30.05 -11.56
CA VAL D 106 2.34 30.55 -10.66
C VAL D 106 1.70 30.92 -9.32
N GLN D 107 0.55 31.61 -9.36
CA GLN D 107 -0.16 32.02 -8.13
C GLN D 107 -0.51 30.78 -7.28
N ASN D 108 -1.10 29.75 -7.90
CA ASN D 108 -1.51 28.51 -7.18
C ASN D 108 -0.29 27.82 -6.57
N ILE D 109 0.80 27.75 -7.32
CA ILE D 109 2.04 27.09 -6.81
C ILE D 109 2.62 27.90 -5.64
N LEU D 110 2.67 29.24 -5.75
CA LEU D 110 3.25 30.02 -4.62
C LEU D 110 2.34 29.91 -3.41
N ASP D 111 1.02 29.94 -3.61
CA ASP D 111 0.03 29.81 -2.51
C ASP D 111 0.26 28.47 -1.79
N ASP D 112 0.40 27.39 -2.55
CA ASP D 112 0.58 26.02 -2.00
C ASP D 112 1.91 25.89 -1.26
N LEU D 113 2.97 26.53 -1.77
CA LEU D 113 4.32 26.48 -1.14
C LEU D 113 4.41 27.47 0.03
N LYS D 114 3.41 28.36 0.16
CA LYS D 114 3.43 29.41 1.21
C LYS D 114 4.66 30.29 0.97
N TYR D 115 4.87 30.69 -0.28
CA TYR D 115 6.06 31.51 -0.64
C TYR D 115 5.82 32.98 -0.27
N GLY D 116 5.98 33.28 1.01
CA GLY D 116 5.83 34.65 1.53
C GLY D 116 4.49 35.26 1.19
N ASN D 117 4.51 36.51 0.72
CA ASN D 117 3.29 37.27 0.37
C ASN D 117 2.64 36.72 -0.91
N CYS D 118 3.34 35.85 -1.65
CA CYS D 118 2.78 35.26 -2.90
C CYS D 118 2.25 36.37 -3.82
N ASP D 119 2.93 37.53 -3.85
CA ASP D 119 2.46 38.68 -4.64
C ASP D 119 3.20 38.75 -5.99
N ILE D 120 2.51 38.36 -7.07
CA ILE D 120 3.07 38.44 -8.46
C ILE D 120 2.37 39.56 -9.22
N SER D 121 1.81 40.55 -8.49
CA SER D 121 1.05 41.66 -9.11
C SER D 121 1.90 42.46 -10.11
N GLU D 122 3.18 42.72 -9.80
CA GLU D 122 4.09 43.47 -10.72
C GLU D 122 4.86 42.43 -11.55
N TRP D 123 4.14 41.74 -12.42
CA TRP D 123 4.68 40.62 -13.24
C TRP D 123 6.04 40.97 -13.87
N GLU D 124 6.14 42.06 -14.62
CA GLU D 124 7.41 42.40 -15.32
C GLU D 124 8.39 43.13 -14.40
N GLY D 125 8.02 43.30 -13.12
CA GLY D 125 8.93 43.91 -12.12
C GLY D 125 8.92 45.42 -12.12
N ASP D 126 9.97 46.01 -11.53
CA ASP D 126 10.10 47.48 -11.40
C ASP D 126 10.75 48.04 -12.68
N LEU D 127 9.94 48.26 -13.73
CA LEU D 127 10.43 48.75 -15.05
C LEU D 127 10.95 50.19 -14.93
N LYS D 128 10.70 50.86 -13.79
CA LYS D 128 11.12 52.27 -13.59
C LYS D 128 12.64 52.34 -13.36
N ASN D 129 13.30 51.19 -13.14
CA ASN D 129 14.79 51.18 -12.91
C ASN D 129 15.50 51.28 -14.27
N GLY D 130 14.75 51.30 -15.38
CA GLY D 130 15.31 51.44 -16.74
C GLY D 130 16.10 50.24 -17.22
N LYS D 131 15.99 49.09 -16.54
CA LYS D 131 16.73 47.87 -16.97
C LYS D 131 15.97 47.12 -18.07
N GLY D 132 14.72 47.52 -18.34
CA GLY D 132 13.92 46.89 -19.40
C GLY D 132 13.46 45.47 -19.05
N HIS D 133 13.79 44.50 -19.91
CA HIS D 133 13.37 43.09 -19.74
C HIS D 133 14.22 42.34 -18.70
N LEU D 134 15.18 43.02 -18.06
CA LEU D 134 15.98 42.37 -16.97
C LEU D 134 15.31 42.71 -15.64
N ASN D 135 14.05 42.31 -15.51
CA ASN D 135 13.20 42.62 -14.33
C ASN D 135 12.14 41.53 -14.15
N GLY D 136 11.50 41.50 -12.97
CA GLY D 136 10.45 40.53 -12.67
C GLY D 136 9.91 40.73 -11.27
N PHE D 137 8.75 40.13 -10.97
CA PHE D 137 8.09 40.24 -9.64
C PHE D 137 9.02 39.77 -8.51
N TRP D 138 10.03 38.94 -8.86
CA TRP D 138 10.95 38.36 -7.85
C TRP D 138 12.24 39.20 -7.69
N LEU D 139 12.42 40.25 -8.50
CA LEU D 139 13.66 41.09 -8.45
C LEU D 139 13.36 42.48 -7.88
N GLU D 140 13.38 42.61 -6.55
CA GLU D 140 13.11 43.91 -5.87
C GLU D 140 11.79 44.47 -6.41
N SER D 141 10.75 43.63 -6.39
CA SER D 141 9.41 44.01 -6.91
C SER D 141 8.35 43.54 -5.90
N SER D 142 7.17 43.13 -6.38
CA SER D 142 6.03 42.79 -5.49
C SER D 142 6.32 41.58 -4.57
N LEU D 143 6.96 40.53 -5.09
CA LEU D 143 7.17 39.28 -4.28
C LEU D 143 8.16 39.52 -3.13
N GLN D 144 7.74 39.13 -1.92
CA GLN D 144 8.54 39.30 -0.67
C GLN D 144 8.40 38.03 0.16
N ILE D 145 9.50 37.54 0.75
CA ILE D 145 9.50 36.32 1.60
C ILE D 145 10.60 36.45 2.67
N SER D 146 10.38 35.84 3.83
CA SER D 146 11.38 35.90 4.93
C SER D 146 12.33 34.71 4.85
N PRO D 147 13.56 34.81 5.41
CA PRO D 147 14.47 33.68 5.44
C PRO D 147 13.82 32.45 6.10
N LYS D 148 12.98 32.67 7.12
CA LYS D 148 12.32 31.52 7.80
C LYS D 148 11.34 30.85 6.82
N GLU D 149 10.58 31.66 6.08
CA GLU D 149 9.63 31.12 5.07
C GLU D 149 10.41 30.38 3.98
N GLN D 150 11.58 30.90 3.59
CA GLN D 150 12.46 30.23 2.58
C GLN D 150 12.77 28.80 3.05
N VAL D 151 13.29 28.69 4.28
CA VAL D 151 13.67 27.39 4.90
C VAL D 151 12.45 26.46 4.98
N GLN D 152 11.28 27.00 5.33
CA GLN D 152 10.07 26.15 5.43
C GLN D 152 9.66 25.69 4.02
N THR D 153 9.85 26.55 3.01
CA THR D 153 9.53 26.18 1.61
C THR D 153 10.49 25.06 1.15
N MET D 154 11.80 25.25 1.35
CA MET D 154 12.82 24.24 0.96
C MET D 154 12.50 22.92 1.67
N ALA D 155 12.25 22.98 2.98
CA ALA D 155 11.94 21.78 3.78
C ALA D 155 10.78 21.01 3.14
N LYS D 156 9.70 21.71 2.77
CA LYS D 156 8.52 21.03 2.18
C LYS D 156 8.88 20.49 0.78
N ILE D 157 9.68 21.22 0.02
CA ILE D 157 10.05 20.76 -1.36
C ILE D 157 10.93 19.50 -1.30
N PHE D 158 12.07 19.58 -0.60
CA PHE D 158 13.06 18.47 -0.66
C PHE D 158 12.69 17.30 0.25
N GLU D 159 11.71 17.44 1.15
CA GLU D 159 11.29 16.27 1.98
C GLU D 159 10.15 15.53 1.27
N GLY D 160 9.83 15.92 0.02
CA GLY D 160 8.81 15.25 -0.81
C GLY D 160 7.38 15.55 -0.40
N ASP D 161 7.14 16.66 0.30
CA ASP D 161 5.78 17.02 0.77
C ASP D 161 4.97 17.77 -0.29
N THR D 162 5.61 18.51 -1.21
CA THR D 162 4.84 19.26 -2.26
C THR D 162 4.37 18.31 -3.36
N ASN D 163 3.64 18.84 -4.35
CA ASN D 163 3.12 18.05 -5.49
C ASN D 163 4.15 17.99 -6.64
N PHE D 164 5.30 18.66 -6.49
CA PHE D 164 6.33 18.59 -7.56
C PHE D 164 6.82 17.15 -7.70
N LYS D 165 7.17 16.73 -8.91
CA LYS D 165 7.63 15.33 -9.16
C LYS D 165 9.05 15.14 -8.64
N LYS D 166 9.32 13.96 -8.10
CA LYS D 166 10.67 13.60 -7.55
C LYS D 166 11.74 13.84 -8.62
N GLU D 167 11.45 13.45 -9.85
N GLU D 167 11.47 13.45 -9.86
CA GLU D 167 12.37 13.63 -11.02
CA GLU D 167 12.44 13.63 -10.97
C GLU D 167 12.80 15.10 -11.11
C GLU D 167 12.82 15.11 -11.11
N HIS D 168 11.85 16.03 -10.93
CA HIS D 168 12.13 17.48 -11.07
C HIS D 168 12.91 17.98 -9.86
N ILE D 169 12.56 17.50 -8.67
CA ILE D 169 13.29 17.89 -7.43
C ILE D 169 14.75 17.41 -7.53
N ASN D 170 14.98 16.23 -8.11
CA ASN D 170 16.37 15.71 -8.25
C ASN D 170 17.15 16.56 -9.24
N ILE D 171 16.50 17.10 -10.29
CA ILE D 171 17.19 18.00 -11.26
C ILE D 171 17.65 19.24 -10.47
N LEU D 172 16.76 19.75 -9.63
CA LEU D 172 17.05 20.96 -8.82
C LEU D 172 18.21 20.64 -7.87
N ARG D 173 18.14 19.51 -7.16
CA ARG D 173 19.24 19.07 -6.25
C ARG D 173 20.58 19.09 -6.99
N ASP D 174 20.62 18.47 -8.18
CA ASP D 174 21.86 18.38 -8.96
C ASP D 174 22.43 19.77 -9.27
N ILE D 175 21.61 20.70 -9.78
CA ILE D 175 22.14 22.03 -10.19
C ILE D 175 22.42 22.91 -8.96
N MET D 176 21.90 22.56 -7.78
CA MET D 176 22.13 23.36 -6.53
C MET D 176 23.41 22.92 -5.81
N LYS D 177 23.94 21.74 -6.14
CA LYS D 177 25.13 21.21 -5.42
C LYS D 177 26.32 22.15 -5.60
N ILE D 178 27.05 22.42 -4.51
CA ILE D 178 28.25 23.30 -4.57
C ILE D 178 29.45 22.52 -4.04
N ASP D 179 30.64 22.85 -4.54
CA ASP D 179 31.91 22.20 -4.11
C ASP D 179 32.55 23.08 -3.02
N VAL D 180 32.62 22.59 -1.78
CA VAL D 180 33.25 23.35 -0.67
C VAL D 180 34.60 22.72 -0.30
N ASN D 181 35.21 22.00 -1.26
CA ASN D 181 36.56 21.39 -1.08
C ASN D 181 36.57 20.48 0.15
N ASP D 182 35.48 19.77 0.40
CA ASP D 182 35.40 18.79 1.52
C ASP D 182 34.34 17.76 1.14
N LYS D 183 34.81 16.57 0.77
CA LYS D 183 33.92 15.49 0.31
C LYS D 183 32.98 15.03 1.44
N ASN D 184 33.26 15.39 2.70
CA ASN D 184 32.39 14.95 3.81
C ASN D 184 31.14 15.82 3.96
N ILE D 185 31.09 16.96 3.28
CA ILE D 185 29.89 17.82 3.46
C ILE D 185 29.21 18.05 2.11
N ASN D 186 27.93 17.70 2.05
CA ASN D 186 27.08 17.87 0.84
C ASN D 186 26.29 19.17 1.01
N VAL D 187 26.73 20.23 0.35
CA VAL D 187 26.04 21.55 0.46
C VAL D 187 25.36 21.84 -0.87
N TYR D 188 24.12 22.32 -0.80
CA TYR D 188 23.29 22.67 -1.97
C TYR D 188 22.72 24.08 -1.72
N GLY D 189 22.69 24.93 -2.73
CA GLY D 189 22.14 26.27 -2.45
C GLY D 189 22.10 27.18 -3.66
N LYS D 190 21.59 28.40 -3.44
CA LYS D 190 21.46 29.43 -4.50
C LYS D 190 21.73 30.80 -3.87
N THR D 191 22.54 31.61 -4.55
CA THR D 191 22.81 32.99 -4.08
C THR D 191 21.72 33.94 -4.64
N GLY D 192 21.59 35.11 -4.00
CA GLY D 192 20.65 36.17 -4.43
C GLY D 192 21.27 37.53 -4.14
N THR D 193 21.22 38.45 -5.09
CA THR D 193 21.82 39.80 -4.90
C THR D 193 20.84 40.87 -5.36
N GLY D 194 20.29 41.62 -4.40
CA GLY D 194 19.33 42.71 -4.69
C GLY D 194 19.59 43.89 -3.77
N PHE D 195 18.96 45.03 -4.08
CA PHE D 195 19.13 46.26 -3.26
C PHE D 195 17.75 46.88 -2.98
N ASP D 196 17.38 46.98 -1.70
CA ASP D 196 16.09 47.57 -1.29
C ASP D 196 16.26 49.09 -1.24
N GLU D 197 15.71 49.82 -2.22
CA GLU D 197 15.84 51.30 -2.30
C GLU D 197 15.05 51.99 -1.18
N LYS D 198 14.06 51.31 -0.59
CA LYS D 198 13.23 51.94 0.47
C LYS D 198 14.02 52.05 1.77
N ASN D 199 14.94 51.11 2.01
CA ASN D 199 15.78 51.12 3.24
C ASN D 199 17.22 51.48 2.86
N LYS D 200 17.52 51.49 1.56
CA LYS D 200 18.87 51.80 1.02
C LYS D 200 19.88 50.82 1.61
N ARG D 201 19.71 49.52 1.31
CA ARG D 201 20.59 48.45 1.83
C ARG D 201 20.40 47.19 0.97
N VAL D 202 21.44 46.34 0.91
CA VAL D 202 21.45 45.14 0.04
C VAL D 202 20.48 44.07 0.53
N ASP D 203 20.08 43.20 -0.41
CA ASP D 203 19.27 41.97 -0.17
C ASP D 203 20.15 40.80 -0.62
N ALA D 204 21.20 40.49 0.16
CA ALA D 204 22.17 39.42 -0.15
C ALA D 204 21.72 38.11 0.50
N TRP D 205 21.55 37.06 -0.32
CA TRP D 205 21.03 35.75 0.16
C TRP D 205 21.94 34.56 -0.18
N PHE D 206 21.79 33.50 0.61
CA PHE D 206 22.31 32.13 0.28
C PHE D 206 21.32 31.17 0.94
N VAL D 207 20.54 30.48 0.11
CA VAL D 207 19.47 29.57 0.59
C VAL D 207 19.74 28.17 0.05
N GLY D 208 19.55 27.15 0.90
CA GLY D 208 19.78 25.77 0.45
C GLY D 208 19.66 24.79 1.59
N MET D 209 20.42 23.69 1.52
CA MET D 209 20.37 22.67 2.59
C MET D 209 21.73 21.96 2.69
N LEU D 210 21.92 21.31 3.84
CA LEU D 210 23.15 20.55 4.19
C LEU D 210 22.74 19.11 4.50
N GLU D 211 23.45 18.14 3.92
CA GLU D 211 23.18 16.69 4.18
C GLU D 211 24.40 16.17 4.94
N ARG D 212 24.18 15.61 6.12
CA ARG D 212 25.33 15.19 6.96
C ARG D 212 25.06 13.89 7.72
N GLU D 213 25.62 12.77 7.22
CA GLU D 213 25.57 11.46 7.91
C GLU D 213 24.13 11.10 8.35
N GLY D 214 23.14 11.29 7.49
CA GLY D 214 21.74 10.93 7.84
C GLY D 214 20.92 12.13 8.31
N ASP D 215 21.57 13.26 8.59
CA ASP D 215 20.85 14.48 9.05
C ASP D 215 20.72 15.46 7.87
N THR D 216 19.67 16.28 7.88
CA THR D 216 19.45 17.29 6.81
C THR D 216 19.10 18.63 7.45
N TYR D 217 19.85 19.68 7.10
CA TYR D 217 19.59 21.04 7.63
C TYR D 217 19.23 22.00 6.49
N TYR D 218 17.99 22.51 6.51
CA TYR D 218 17.55 23.53 5.50
C TYR D 218 17.96 24.89 6.07
N PHE D 219 18.65 25.71 5.28
CA PHE D 219 19.18 26.97 5.85
C PHE D 219 18.93 28.19 4.95
N ALA D 220 18.99 29.36 5.59
CA ALA D 220 18.85 30.66 4.91
C ALA D 220 19.80 31.66 5.57
N ILE D 221 20.78 32.16 4.81
CA ILE D 221 21.70 33.21 5.32
C ILE D 221 21.28 34.50 4.60
N LYS D 222 21.11 35.59 5.35
CA LYS D 222 20.59 36.85 4.74
C LYS D 222 21.28 38.06 5.35
N SER D 223 21.82 38.94 4.49
CA SER D 223 22.46 40.21 4.93
C SER D 223 21.54 41.40 4.55
N ASP D 224 21.71 42.52 5.25
CA ASP D 224 20.91 43.75 5.00
C ASP D 224 21.83 44.95 5.24
N ASP D 225 23.14 44.74 5.06
CA ASP D 225 24.17 45.79 5.28
C ASP D 225 23.93 46.98 4.34
N SER D 226 24.21 48.20 4.82
CA SER D 226 24.07 49.43 4.01
C SER D 226 25.16 49.43 2.91
N ASN D 227 26.19 48.60 3.10
CA ASN D 227 27.33 48.49 2.15
C ASN D 227 26.89 47.66 0.95
N LYS D 228 26.86 48.28 -0.24
CA LYS D 228 26.48 47.61 -1.51
C LYS D 228 27.52 46.54 -1.89
N GLU D 229 28.66 46.52 -1.20
CA GLU D 229 29.74 45.53 -1.45
C GLU D 229 29.24 44.11 -1.12
N ILE D 230 28.38 44.00 -0.09
CA ILE D 230 27.84 42.68 0.38
C ILE D 230 26.88 42.12 -0.69
N THR D 231 27.28 41.03 -1.34
CA THR D 231 26.48 40.37 -2.41
C THR D 231 26.20 38.92 -1.99
N GLY D 232 25.30 38.25 -2.73
CA GLY D 232 24.97 36.83 -2.48
C GLY D 232 26.23 35.98 -2.28
N PRO D 233 27.19 36.02 -3.23
CA PRO D 233 28.44 35.26 -3.10
C PRO D 233 29.17 35.51 -1.77
N LYS D 234 29.20 36.76 -1.29
CA LYS D 234 29.87 37.06 0.01
C LYS D 234 29.13 36.31 1.13
N VAL D 235 27.79 36.33 1.11
CA VAL D 235 26.93 35.67 2.14
C VAL D 235 27.06 34.14 2.02
N LYS D 236 27.36 33.63 0.82
CA LYS D 236 27.54 32.17 0.62
C LYS D 236 28.76 31.73 1.45
N GLU D 237 29.85 32.50 1.35
CA GLU D 237 31.11 32.23 2.10
C GLU D 237 30.82 32.23 3.61
N ILE D 238 29.90 33.09 4.05
CA ILE D 238 29.52 33.17 5.50
C ILE D 238 28.81 31.86 5.87
N ALA D 239 27.87 31.42 5.02
CA ALA D 239 27.13 30.16 5.26
C ALA D 239 28.11 28.98 5.39
N ILE D 240 29.06 28.87 4.46
CA ILE D 240 30.07 27.76 4.46
C ILE D 240 30.85 27.80 5.78
N ASN D 241 31.32 28.98 6.20
CA ASN D 241 32.09 29.12 7.47
C ASN D 241 31.20 28.65 8.64
N ILE D 242 29.92 29.04 8.65
CA ILE D 242 28.98 28.60 9.73
C ILE D 242 28.87 27.06 9.68
N ILE D 243 28.77 26.50 8.48
CA ILE D 243 28.63 25.02 8.29
C ILE D 243 29.91 24.31 8.78
N LYS D 244 31.08 24.74 8.29
CA LYS D 244 32.36 24.07 8.68
C LYS D 244 32.64 24.21 10.18
N LYS D 245 31.97 25.14 10.87
CA LYS D 245 32.26 25.34 12.32
C LYS D 245 31.19 24.67 13.20
N TYR D 246 29.90 24.99 12.99
CA TYR D 246 28.83 24.47 13.88
C TYR D 246 28.09 23.26 13.29
N TYR D 247 28.39 22.87 12.05
CA TYR D 247 27.68 21.70 11.44
C TYR D 247 28.70 20.74 10.81
N SER D 248 29.87 20.64 11.43
CA SER D 248 30.95 19.73 10.95
C SER D 248 30.59 18.27 11.24
N VAL D 249 31.10 17.36 10.41
CA VAL D 249 30.83 15.89 10.55
C VAL D 249 31.56 15.35 11.78
N ARG D 250 31.06 14.24 12.34
CA ARG D 250 31.72 13.55 13.49
C ARG D 250 32.80 12.62 12.94
N GLU D 251 32.39 11.56 12.22
CA GLU D 251 33.33 10.60 11.58
C GLU D 251 33.91 11.24 10.33
N GLY D 252 35.24 11.11 10.13
CA GLY D 252 35.92 11.67 8.96
C GLY D 252 36.33 13.12 9.16
N ALA D 253 36.27 13.62 10.41
CA ALA D 253 36.67 15.02 10.69
C ALA D 253 38.18 15.17 10.49
N ALA D 254 38.63 16.38 10.15
CA ALA D 254 40.06 16.68 9.89
C ALA D 254 40.89 16.49 11.17
N LEU D 255 42.15 16.05 11.02
CA LEU D 255 43.09 15.81 12.16
C LEU D 255 44.06 17.00 12.26
C1 PEG E . 12.15 3.42 8.26
O1 PEG E . 13.25 4.08 7.63
C2 PEG E . 11.23 2.77 7.28
O2 PEG E . 9.89 2.90 7.73
C3 PEG E . 9.54 1.96 8.74
C4 PEG E . 8.11 2.15 9.14
O4 PEG E . 7.94 3.22 10.05
S SO4 F . -13.29 -27.92 26.07
O1 SO4 F . -14.41 -28.72 26.51
O2 SO4 F . -12.19 -28.10 26.99
O3 SO4 F . -13.67 -26.54 26.04
O4 SO4 F . -12.90 -28.35 24.76
S SO4 G . 23.46 36.41 -7.59
O1 SO4 G . 23.83 35.04 -7.88
O2 SO4 G . 23.48 36.61 -6.17
O3 SO4 G . 24.40 37.29 -8.22
O4 SO4 G . 22.14 36.66 -8.11
#